data_4FUK
#
_entry.id   4FUK
#
_cell.length_a   48.385
_cell.length_b   75.545
_cell.length_c   180.997
_cell.angle_alpha   90.000
_cell.angle_beta   90.000
_cell.angle_gamma   90.000
#
_symmetry.space_group_name_H-M   'P 21 21 21'
#
loop_
_entity.id
_entity.type
_entity.pdbx_description
1 polymer 'Methionine aminopeptidase'
2 non-polymer 'ZINC ION'
3 non-polymer 'UNKNOWN ATOM OR ION'
4 non-polymer GLYCEROL
5 water water
#
_entity_poly.entity_id   1
_entity_poly.type   'polypeptide(L)'
_entity_poly.pdbx_seq_one_letter_code
;GAMKTFDFTGPLRPGKITPRRAVPSHILRPDYADRAGGVSASEEKDRGSKVKVYNIQFLHDDSKKTAEIQRIKTVCQLSR
EVLDIATAAAKPGITTDELDRIVHEATVERNMYPSPLNYYGFPKSVCTSVNEVICHGIPDSRELEEGDILNIDVSSYLNG
FHGDLNETVFIGRPDDDSVRLVHAAYECLCAGIGVVKPEALYKQVGDAIEACASQYQCSVVRTYTGHGVGHLFHTSPTVC
HYANNKSLGMMRPGHVFTIEPMINLGTWQDVTWPDKWTSTTKDGRRSAQFEHTMVVTNGGVEIFTDWVDGVPTYQKQLKE
WGIMLPQRKEVGSATAV
;
_entity_poly.pdbx_strand_id   A,B
#
# COMPACT_ATOMS: atom_id res chain seq x y z
N ALA A 2 0.95 -13.82 1.64
CA ALA A 2 -0.17 -14.01 2.61
C ALA A 2 -1.35 -13.11 2.27
N MET A 3 -2.49 -13.39 2.90
CA MET A 3 -3.68 -12.53 2.78
CA MET A 3 -3.67 -12.52 2.78
C MET A 3 -3.56 -11.40 3.80
N LYS A 4 -3.90 -10.17 3.40
CA LYS A 4 -3.83 -9.04 4.33
C LYS A 4 -5.23 -8.77 4.88
N THR A 5 -5.35 -8.59 6.19
CA THR A 5 -6.64 -8.22 6.82
C THR A 5 -6.62 -6.76 7.21
N PHE A 6 -7.79 -6.12 7.22
CA PHE A 6 -7.87 -4.71 7.62
C PHE A 6 -9.19 -4.44 8.37
N ASP A 7 -9.10 -3.70 9.47
CA ASP A 7 -10.30 -3.25 10.21
C ASP A 7 -10.62 -1.79 9.91
N PHE A 8 -11.77 -1.54 9.28
CA PHE A 8 -12.22 -0.17 9.01
C PHE A 8 -12.42 0.61 10.32
N THR A 9 -11.95 1.87 10.36
CA THR A 9 -11.86 2.61 11.62
C THR A 9 -13.04 3.57 11.82
N GLY A 10 -13.83 3.76 10.78
CA GLY A 10 -14.98 4.64 10.79
C GLY A 10 -16.07 4.11 9.89
N PRO A 11 -17.08 4.93 9.58
CA PRO A 11 -18.21 4.44 8.81
C PRO A 11 -18.01 4.28 7.30
N LEU A 12 -17.00 4.95 6.73
CA LEU A 12 -16.83 4.90 5.28
C LEU A 12 -16.32 3.55 4.81
N ARG A 13 -16.71 3.18 3.59
CA ARG A 13 -16.33 1.92 2.99
C ARG A 13 -16.00 2.18 1.52
N PRO A 14 -15.06 1.41 0.96
CA PRO A 14 -14.78 1.60 -0.46
C PRO A 14 -16.00 1.20 -1.31
N GLY A 15 -16.22 1.93 -2.39
CA GLY A 15 -17.24 1.58 -3.36
C GLY A 15 -16.59 0.83 -4.49
N LYS A 16 -17.35 0.57 -5.54
CA LYS A 16 -16.81 0.00 -6.77
C LYS A 16 -15.95 1.04 -7.50
N ILE A 17 -14.89 0.58 -8.16
CA ILE A 17 -13.96 1.46 -8.87
C ILE A 17 -14.04 1.19 -10.37
N THR A 18 -14.47 2.21 -11.13
CA THR A 18 -14.65 2.04 -12.58
CA THR A 18 -14.65 2.16 -12.60
C THR A 18 -13.34 1.82 -13.34
N PRO A 19 -13.43 1.30 -14.60
CA PRO A 19 -12.21 1.13 -15.39
C PRO A 19 -11.41 2.43 -15.58
N ARG A 20 -10.17 2.29 -16.06
CA ARG A 20 -9.28 3.44 -16.17
C ARG A 20 -9.52 4.28 -17.41
N ARG A 21 -9.49 5.60 -17.22
CA ARG A 21 -9.75 6.56 -18.29
C ARG A 21 -8.53 6.79 -19.16
N ALA A 22 -8.79 6.96 -20.45
CA ALA A 22 -7.77 7.22 -21.44
C ALA A 22 -7.60 8.72 -21.60
N VAL A 23 -6.39 9.12 -21.98
CA VAL A 23 -6.08 10.53 -22.25
C VAL A 23 -5.83 10.71 -23.75
N PRO A 24 -6.50 11.71 -24.39
CA PRO A 24 -6.32 11.97 -25.82
C PRO A 24 -4.87 11.85 -26.29
N SER A 25 -4.68 11.33 -27.50
CA SER A 25 -3.35 10.98 -28.03
C SER A 25 -2.33 12.12 -28.06
N HIS A 26 -2.83 13.34 -28.28
CA HIS A 26 -1.99 14.53 -28.50
C HIS A 26 -1.44 15.18 -27.22
N ILE A 27 -2.01 14.84 -26.08
CA ILE A 27 -1.56 15.40 -24.80
C ILE A 27 -0.24 14.76 -24.36
N LEU A 28 0.73 15.60 -24.02
CA LEU A 28 2.02 15.18 -23.49
C LEU A 28 1.85 14.46 -22.13
N ARG A 29 2.57 13.36 -21.97
CA ARG A 29 2.51 12.54 -20.76
C ARG A 29 3.82 12.60 -19.99
N PRO A 30 3.76 12.64 -18.63
CA PRO A 30 4.96 12.50 -17.81
C PRO A 30 5.47 11.04 -17.86
N ASP A 31 6.72 10.81 -17.50
CA ASP A 31 7.37 9.50 -17.74
C ASP A 31 6.66 8.28 -17.17
N TYR A 32 6.00 8.43 -16.03
CA TYR A 32 5.32 7.31 -15.36
C TYR A 32 3.99 6.89 -16.00
N ALA A 33 3.48 7.66 -16.97
CA ALA A 33 2.09 7.51 -17.45
C ALA A 33 1.75 6.20 -18.14
N ASP A 34 2.68 5.65 -18.91
CA ASP A 34 2.37 4.49 -19.74
C ASP A 34 3.07 3.23 -19.23
N ARG A 35 3.83 3.42 -18.16
CA ARG A 35 4.66 2.39 -17.56
C ARG A 35 3.88 1.54 -16.56
N ALA A 36 3.94 0.21 -16.70
CA ALA A 36 3.28 -0.71 -15.76
C ALA A 36 3.85 -0.48 -14.36
N GLY A 37 2.97 -0.25 -13.39
CA GLY A 37 3.38 0.13 -12.04
C GLY A 37 3.55 1.63 -11.81
N GLY A 38 3.52 2.40 -12.89
CA GLY A 38 3.66 3.87 -12.83
C GLY A 38 4.87 4.43 -12.11
N VAL A 39 6.02 3.75 -12.18
CA VAL A 39 7.24 4.29 -11.60
C VAL A 39 7.69 5.48 -12.45
N SER A 40 8.33 6.46 -11.81
CA SER A 40 8.87 7.61 -12.50
C SER A 40 10.38 7.58 -12.40
N ALA A 41 11.05 7.42 -13.54
CA ALA A 41 12.52 7.35 -13.54
C ALA A 41 13.16 8.67 -13.12
N SER A 42 12.57 9.79 -13.53
CA SER A 42 13.07 11.11 -13.16
C SER A 42 13.06 11.34 -11.65
N GLU A 43 11.96 10.95 -10.99
CA GLU A 43 11.91 11.00 -9.53
C GLU A 43 12.88 10.02 -8.89
N GLU A 44 13.11 8.86 -9.51
CA GLU A 44 14.04 7.88 -8.94
C GLU A 44 15.49 8.40 -8.99
N LYS A 45 15.89 8.96 -10.14
CA LYS A 45 17.21 9.57 -10.33
C LYS A 45 17.45 10.77 -9.41
N ASP A 46 16.38 11.52 -9.13
CA ASP A 46 16.49 12.74 -8.34
C ASP A 46 16.66 12.52 -6.82
N ARG A 47 16.10 11.42 -6.30
CA ARG A 47 15.98 11.23 -4.84
C ARG A 47 17.29 11.42 -4.06
N GLY A 48 17.27 12.38 -3.15
CA GLY A 48 18.44 12.70 -2.33
C GLY A 48 19.13 14.00 -2.74
N SER A 49 19.02 14.36 -4.01
CA SER A 49 19.68 15.54 -4.57
C SER A 49 19.21 16.86 -3.93
N LYS A 50 20.03 17.91 -4.06
CA LYS A 50 19.74 19.22 -3.46
C LYS A 50 18.49 19.86 -4.08
N VAL A 51 17.73 20.60 -3.27
CA VAL A 51 16.56 21.35 -3.73
C VAL A 51 16.89 22.23 -4.95
N LYS A 52 16.04 22.23 -5.98
CA LYS A 52 16.26 23.11 -7.12
C LYS A 52 15.84 24.55 -6.83
N VAL A 53 16.74 25.49 -7.14
CA VAL A 53 16.41 26.91 -7.11
C VAL A 53 15.97 27.32 -8.52
N TYR A 54 14.73 27.78 -8.66
CA TYR A 54 14.23 28.27 -9.94
C TYR A 54 14.57 29.75 -10.13
N ASN A 55 14.72 30.18 -11.38
CA ASN A 55 15.03 31.58 -11.69
C ASN A 55 13.77 32.43 -11.60
N ILE A 56 13.76 33.40 -10.68
CA ILE A 56 12.56 34.22 -10.48
C ILE A 56 12.58 35.63 -11.12
N GLN A 57 13.57 35.90 -11.98
CA GLN A 57 13.64 37.18 -12.69
C GLN A 57 12.34 37.51 -13.44
N PHE A 58 11.71 36.48 -14.01
CA PHE A 58 10.48 36.66 -14.79
C PHE A 58 9.20 36.26 -14.02
N LEU A 59 9.27 36.33 -12.69
CA LEU A 59 8.17 35.92 -11.80
C LEU A 59 6.89 36.73 -12.01
N HIS A 60 7.04 38.05 -12.17
CA HIS A 60 5.88 38.90 -12.47
C HIS A 60 5.79 39.37 -13.93
N ASP A 61 6.59 38.76 -14.80
CA ASP A 61 6.51 39.06 -16.22
C ASP A 61 5.65 38.01 -16.92
N ASP A 62 4.33 38.19 -16.83
CA ASP A 62 3.36 37.25 -17.40
C ASP A 62 3.47 37.07 -18.93
N SER A 63 4.45 37.73 -19.54
CA SER A 63 4.75 37.58 -20.96
C SER A 63 6.04 36.79 -21.19
N LYS A 64 6.91 36.75 -20.18
CA LYS A 64 8.21 36.08 -20.29
C LYS A 64 8.19 34.68 -19.68
N ALA A 67 9.27 30.27 -20.03
CA ALA A 67 10.00 30.38 -18.76
C ALA A 67 9.46 29.42 -17.69
N GLU A 68 10.36 28.89 -16.86
CA GLU A 68 10.04 27.81 -15.92
C GLU A 68 9.03 28.22 -14.87
N ILE A 69 9.33 29.28 -14.11
CA ILE A 69 8.39 29.83 -13.11
C ILE A 69 7.01 30.17 -13.68
N GLN A 70 6.94 30.62 -14.93
CA GLN A 70 5.66 30.93 -15.60
C GLN A 70 4.92 29.67 -16.08
N ARG A 71 5.67 28.64 -16.47
CA ARG A 71 5.06 27.35 -16.83
C ARG A 71 4.39 26.73 -15.60
N ILE A 72 5.08 26.86 -14.46
CA ILE A 72 4.54 26.44 -13.16
C ILE A 72 3.31 27.25 -12.77
N LYS A 73 3.40 28.58 -12.90
CA LYS A 73 2.25 29.44 -12.64
C LYS A 73 1.06 29.08 -13.51
N THR A 74 1.32 28.86 -14.81
CA THR A 74 0.27 28.51 -15.77
C THR A 74 -0.49 27.25 -15.37
N VAL A 75 0.24 26.17 -15.07
CA VAL A 75 -0.40 24.87 -14.82
C VAL A 75 -1.12 24.91 -13.49
N CYS A 76 -0.53 25.64 -12.53
CA CYS A 76 -1.22 25.99 -11.29
C CYS A 76 -2.54 26.74 -11.49
N GLN A 77 -2.55 27.76 -12.38
CA GLN A 77 -3.78 28.56 -12.61
C GLN A 77 -4.83 27.75 -13.34
N LEU A 78 -4.41 26.98 -14.33
CA LEU A 78 -5.30 26.10 -15.06
C LEU A 78 -5.84 24.99 -14.14
N SER A 79 -5.01 24.58 -13.18
CA SER A 79 -5.42 23.55 -12.21
C SER A 79 -6.45 24.08 -11.22
N ARG A 80 -6.35 25.36 -10.89
CA ARG A 80 -7.37 26.05 -10.13
C ARG A 80 -8.74 26.02 -10.85
N GLU A 81 -8.71 26.21 -12.16
CA GLU A 81 -9.93 26.19 -12.97
C GLU A 81 -10.59 24.84 -12.86
N VAL A 82 -9.77 23.78 -12.96
CA VAL A 82 -10.26 22.40 -12.96
C VAL A 82 -10.87 22.07 -11.61
N LEU A 83 -10.22 22.50 -10.54
CA LEU A 83 -10.69 22.27 -9.19
C LEU A 83 -11.98 23.04 -8.91
N ASP A 84 -12.12 24.21 -9.52
CA ASP A 84 -13.36 24.99 -9.42
C ASP A 84 -14.51 24.30 -10.15
N ILE A 85 -14.26 23.79 -11.35
CA ILE A 85 -15.27 23.01 -12.09
C ILE A 85 -15.69 21.78 -11.29
N ALA A 86 -14.71 21.17 -10.60
CA ALA A 86 -14.94 19.96 -9.81
C ALA A 86 -15.72 20.22 -8.52
N THR A 87 -15.34 21.27 -7.79
CA THR A 87 -16.08 21.63 -6.57
C THR A 87 -17.52 22.07 -6.90
N ALA A 88 -17.70 22.79 -8.02
CA ALA A 88 -19.06 23.15 -8.48
C ALA A 88 -19.97 21.91 -8.61
N ALA A 89 -19.43 20.85 -9.23
CA ALA A 89 -20.17 19.60 -9.46
C ALA A 89 -20.46 18.79 -8.19
N ALA A 90 -19.68 19.02 -7.13
CA ALA A 90 -19.78 18.19 -5.92
C ALA A 90 -21.05 18.45 -5.10
N LYS A 91 -22.08 17.63 -5.35
CA LYS A 91 -23.35 17.72 -4.60
C LYS A 91 -23.71 16.38 -3.97
N PRO A 92 -24.62 16.38 -2.97
CA PRO A 92 -25.11 15.10 -2.45
C PRO A 92 -25.78 14.28 -3.55
N GLY A 93 -25.50 12.98 -3.58
CA GLY A 93 -26.00 12.10 -4.64
C GLY A 93 -25.03 11.88 -5.81
N ILE A 94 -24.13 12.84 -6.05
CA ILE A 94 -23.09 12.70 -7.07
C ILE A 94 -22.00 11.74 -6.57
N THR A 95 -21.50 10.87 -7.44
CA THR A 95 -20.41 9.96 -7.07
C THR A 95 -19.05 10.58 -7.32
N THR A 96 -18.08 10.20 -6.50
CA THR A 96 -16.70 10.66 -6.68
C THR A 96 -16.14 10.20 -8.02
N ASP A 97 -16.63 9.08 -8.55
CA ASP A 97 -16.23 8.67 -9.90
C ASP A 97 -16.74 9.64 -10.96
N GLU A 98 -17.98 10.11 -10.79
CA GLU A 98 -18.53 11.19 -11.62
C GLU A 98 -17.59 12.40 -11.60
N LEU A 99 -17.21 12.83 -10.40
CA LEU A 99 -16.18 13.88 -10.24
C LEU A 99 -14.85 13.55 -10.92
N ASP A 100 -14.39 12.30 -10.84
CA ASP A 100 -13.18 11.90 -11.57
C ASP A 100 -13.37 12.14 -13.07
N ARG A 101 -14.48 11.66 -13.62
CA ARG A 101 -14.84 11.98 -15.02
C ARG A 101 -14.74 13.48 -15.33
N ILE A 102 -15.37 14.31 -14.50
CA ILE A 102 -15.38 15.76 -14.74
C ILE A 102 -13.98 16.38 -14.70
N VAL A 103 -13.20 16.08 -13.66
CA VAL A 103 -11.78 16.50 -13.59
C VAL A 103 -11.00 16.01 -14.80
N HIS A 104 -11.09 14.71 -15.11
CA HIS A 104 -10.34 14.15 -16.23
C HIS A 104 -10.67 14.94 -17.51
N GLU A 105 -11.96 15.06 -17.79
CA GLU A 105 -12.45 15.77 -18.98
C GLU A 105 -12.04 17.25 -19.03
N ALA A 106 -12.23 17.95 -17.91
CA ALA A 106 -11.79 19.35 -17.76
C ALA A 106 -10.28 19.55 -17.96
N THR A 107 -9.49 18.58 -17.51
CA THR A 107 -8.02 18.60 -17.63
C THR A 107 -7.56 18.33 -19.07
N VAL A 108 -8.18 17.33 -19.69
CA VAL A 108 -7.91 17.00 -21.09
C VAL A 108 -8.35 18.18 -21.97
N GLU A 109 -9.53 18.71 -21.67
CA GLU A 109 -10.08 19.90 -22.31
C GLU A 109 -9.05 21.03 -22.44
N ARG A 110 -8.18 21.17 -21.43
CA ARG A 110 -7.12 22.20 -21.40
C ARG A 110 -5.76 21.69 -21.87
N ASN A 111 -5.77 20.56 -22.57
CA ASN A 111 -4.54 19.91 -23.09
C ASN A 111 -3.42 19.64 -22.06
N MET A 112 -3.83 19.25 -20.84
CA MET A 112 -2.90 18.86 -19.77
C MET A 112 -3.10 17.37 -19.42
N TYR A 113 -2.08 16.77 -18.80
CA TYR A 113 -2.20 15.42 -18.23
C TYR A 113 -2.60 15.50 -16.75
N PRO A 114 -3.60 14.69 -16.31
CA PRO A 114 -3.90 14.65 -14.88
C PRO A 114 -2.85 13.85 -14.11
N SER A 115 -1.98 14.58 -13.41
CA SER A 115 -0.81 14.04 -12.69
C SER A 115 -1.01 12.77 -11.84
N PRO A 116 -2.13 12.68 -11.08
CA PRO A 116 -2.28 11.44 -10.28
C PRO A 116 -2.45 10.17 -11.11
N LEU A 117 -2.82 10.28 -12.38
CA LEU A 117 -3.24 9.09 -13.15
C LEU A 117 -2.05 8.18 -13.43
N ASN A 118 -2.11 6.99 -12.85
CA ASN A 118 -1.03 5.99 -12.92
C ASN A 118 0.24 6.39 -12.20
N TYR A 119 0.18 7.43 -11.36
CA TYR A 119 1.32 7.78 -10.54
C TYR A 119 1.57 6.65 -9.54
N TYR A 120 2.64 5.90 -9.74
CA TYR A 120 2.93 4.71 -8.92
C TYR A 120 1.73 3.77 -8.80
N GLY A 121 0.95 3.71 -9.89
CA GLY A 121 -0.19 2.83 -10.02
C GLY A 121 -1.52 3.37 -9.55
N PHE A 122 -1.54 4.62 -9.08
CA PHE A 122 -2.80 5.22 -8.62
C PHE A 122 -3.82 5.17 -9.78
N PRO A 123 -5.04 4.64 -9.54
CA PRO A 123 -5.95 4.27 -10.65
C PRO A 123 -6.79 5.39 -11.27
N LYS A 124 -6.74 6.59 -10.69
CA LYS A 124 -7.68 7.66 -11.06
C LYS A 124 -6.95 8.97 -11.39
N SER A 125 -7.68 9.98 -11.86
CA SER A 125 -7.08 11.23 -12.37
C SER A 125 -7.05 12.31 -11.29
N VAL A 126 -7.63 12.01 -10.14
CA VAL A 126 -7.82 12.97 -9.07
C VAL A 126 -7.99 12.19 -7.76
N CYS A 127 -7.58 12.77 -6.64
CA CYS A 127 -7.89 12.21 -5.32
C CYS A 127 -9.14 12.85 -4.70
N THR A 128 -10.09 12.00 -4.32
CA THR A 128 -11.33 12.41 -3.68
C THR A 128 -11.39 11.81 -2.29
N SER A 129 -11.09 12.63 -1.29
CA SER A 129 -11.04 12.19 0.09
C SER A 129 -12.25 12.69 0.87
N VAL A 130 -13.03 11.76 1.41
CA VAL A 130 -14.29 12.05 2.11
C VAL A 130 -14.20 11.70 3.60
N ASN A 131 -14.63 12.62 4.46
CA ASN A 131 -14.74 12.42 5.93
C ASN A 131 -13.47 11.96 6.67
N GLU A 132 -13.44 10.71 7.16
CA GLU A 132 -12.29 10.19 7.91
C GLU A 132 -11.04 9.93 7.03
N VAL A 133 -11.21 10.00 5.72
CA VAL A 133 -10.10 9.87 4.75
C VAL A 133 -9.20 11.10 4.83
N ILE A 134 -7.95 10.87 5.25
CA ILE A 134 -6.91 11.89 5.37
C ILE A 134 -6.41 12.39 4.01
N CYS A 135 -6.18 11.43 3.10
CA CYS A 135 -5.68 11.71 1.75
C CYS A 135 -5.67 10.46 0.87
N HIS A 136 -5.55 10.70 -0.43
CA HIS A 136 -5.36 9.68 -1.44
C HIS A 136 -6.60 8.81 -1.66
N GLY A 137 -7.76 9.34 -1.30
CA GLY A 137 -9.04 8.68 -1.62
C GLY A 137 -9.18 8.40 -3.12
N ILE A 138 -9.64 7.19 -3.43
CA ILE A 138 -9.86 6.81 -4.83
C ILE A 138 -11.31 7.03 -5.20
N PRO A 139 -11.56 7.83 -6.25
CA PRO A 139 -12.91 8.02 -6.77
C PRO A 139 -13.60 6.67 -7.00
N ASP A 140 -14.78 6.52 -6.42
CA ASP A 140 -15.53 5.25 -6.46
C ASP A 140 -17.04 5.38 -6.74
N SER A 141 -17.75 4.26 -6.58
CA SER A 141 -19.18 4.14 -6.90
C SER A 141 -20.08 4.84 -5.90
N ARG A 142 -19.54 5.11 -4.70
CA ARG A 142 -20.29 5.72 -3.62
CA ARG A 142 -20.29 5.73 -3.62
C ARG A 142 -20.82 7.10 -4.01
N GLU A 143 -22.07 7.35 -3.65
CA GLU A 143 -22.68 8.68 -3.80
C GLU A 143 -22.29 9.50 -2.59
N LEU A 144 -21.95 10.77 -2.82
CA LEU A 144 -21.67 11.70 -1.73
C LEU A 144 -22.96 11.93 -0.97
N GLU A 145 -22.84 12.11 0.34
CA GLU A 145 -24.00 12.17 1.20
C GLU A 145 -24.10 13.49 1.95
N GLU A 146 -25.33 13.87 2.29
CA GLU A 146 -25.61 15.04 3.12
C GLU A 146 -24.84 14.97 4.43
N GLY A 147 -24.05 16.02 4.70
CA GLY A 147 -23.26 16.09 5.93
C GLY A 147 -21.79 15.68 5.75
N ASP A 148 -21.48 15.10 4.59
CA ASP A 148 -20.10 14.72 4.26
C ASP A 148 -19.23 15.95 4.04
N ILE A 149 -17.92 15.78 4.21
CA ILE A 149 -16.95 16.75 3.72
C ILE A 149 -16.11 16.06 2.63
N LEU A 150 -15.70 16.82 1.62
CA LEU A 150 -14.96 16.27 0.48
C LEU A 150 -13.73 17.11 0.18
N ASN A 151 -12.57 16.46 0.07
CA ASN A 151 -11.36 17.09 -0.41
C ASN A 151 -11.12 16.59 -1.84
N ILE A 152 -10.90 17.53 -2.75
CA ILE A 152 -10.50 17.22 -4.11
C ILE A 152 -9.06 17.72 -4.24
N ASP A 153 -8.15 16.82 -4.62
CA ASP A 153 -6.73 17.19 -4.71
C ASP A 153 -6.32 17.05 -6.15
N VAL A 154 -6.11 18.18 -6.81
CA VAL A 154 -5.87 18.23 -8.26
C VAL A 154 -4.38 18.45 -8.50
N SER A 155 -3.84 17.73 -9.49
CA SER A 155 -2.52 18.01 -9.97
C SER A 155 -2.51 17.78 -11.46
N SER A 156 -1.88 18.72 -12.15
CA SER A 156 -1.87 18.71 -13.60
C SER A 156 -0.46 18.84 -14.13
N TYR A 157 -0.25 18.27 -15.29
CA TYR A 157 1.04 18.28 -15.92
C TYR A 157 0.89 18.92 -17.28
N LEU A 158 1.68 19.96 -17.51
CA LEU A 158 1.60 20.68 -18.78
C LEU A 158 2.94 21.33 -19.09
N ASN A 159 3.39 21.14 -20.33
CA ASN A 159 4.70 21.62 -20.79
C ASN A 159 5.88 21.33 -19.86
N GLY A 160 5.88 20.14 -19.27
CA GLY A 160 7.01 19.69 -18.48
C GLY A 160 6.94 20.00 -16.99
N PHE A 161 5.85 20.62 -16.56
CA PHE A 161 5.74 20.99 -15.15
C PHE A 161 4.43 20.60 -14.51
N HIS A 162 4.49 20.28 -13.22
CA HIS A 162 3.28 19.98 -12.44
C HIS A 162 2.81 21.17 -11.62
N GLY A 163 1.50 21.27 -11.43
CA GLY A 163 0.92 22.20 -10.47
C GLY A 163 0.05 21.41 -9.52
N ASP A 164 -0.02 21.80 -8.26
CA ASP A 164 -0.62 20.95 -7.24
C ASP A 164 -1.43 21.76 -6.23
N LEU A 165 -2.71 21.41 -6.03
CA LEU A 165 -3.56 22.13 -5.10
C LEU A 165 -4.75 21.32 -4.67
N ASN A 166 -5.23 21.59 -3.47
CA ASN A 166 -6.42 20.94 -2.98
C ASN A 166 -7.19 21.77 -1.96
N GLU A 167 -8.45 21.41 -1.79
CA GLU A 167 -9.29 22.05 -0.80
C GLU A 167 -10.40 21.10 -0.43
N THR A 168 -10.92 21.31 0.78
CA THR A 168 -12.05 20.59 1.32
C THR A 168 -13.27 21.52 1.23
N VAL A 169 -14.38 20.97 0.73
CA VAL A 169 -15.68 21.66 0.73
C VAL A 169 -16.72 20.87 1.53
N PHE A 170 -17.91 21.45 1.71
CA PHE A 170 -19.00 20.73 2.38
C PHE A 170 -19.94 20.10 1.36
N ILE A 171 -20.50 18.94 1.70
CA ILE A 171 -21.53 18.32 0.87
C ILE A 171 -22.81 18.38 1.68
N GLY A 172 -23.76 19.21 1.22
CA GLY A 172 -24.93 19.58 2.02
C GLY A 172 -24.53 20.34 3.27
N ARG A 173 -25.50 20.63 4.13
CA ARG A 173 -25.26 21.50 5.28
C ARG A 173 -24.45 20.83 6.38
N PRO A 174 -23.31 21.44 6.76
CA PRO A 174 -22.35 20.90 7.72
C PRO A 174 -22.71 21.06 9.18
N ASP A 175 -22.49 20.00 9.95
CA ASP A 175 -22.63 20.02 11.40
C ASP A 175 -21.51 20.86 12.02
N ASP A 176 -21.56 21.04 13.34
CA ASP A 176 -20.63 21.92 14.05
C ASP A 176 -19.19 21.44 13.98
N ASP A 177 -19.01 20.13 14.09
CA ASP A 177 -17.67 19.53 14.11
C ASP A 177 -16.93 19.64 12.78
N SER A 178 -17.61 19.31 11.68
CA SER A 178 -17.04 19.44 10.34
C SER A 178 -16.69 20.90 10.04
N VAL A 179 -17.48 21.81 10.60
CA VAL A 179 -17.23 23.24 10.47
C VAL A 179 -15.89 23.64 11.08
N ARG A 180 -15.66 23.26 12.34
CA ARG A 180 -14.43 23.60 13.03
C ARG A 180 -13.20 22.90 12.39
N LEU A 181 -13.40 21.69 11.90
CA LEU A 181 -12.33 20.93 11.22
C LEU A 181 -11.87 21.64 9.95
N VAL A 182 -12.80 21.79 9.01
CA VAL A 182 -12.51 22.37 7.70
C VAL A 182 -11.88 23.75 7.87
N HIS A 183 -12.41 24.53 8.82
CA HIS A 183 -11.84 25.86 9.07
C HIS A 183 -10.45 25.81 9.71
N ALA A 184 -10.26 24.91 10.68
CA ALA A 184 -8.94 24.67 11.27
C ALA A 184 -7.90 24.28 10.20
N ALA A 185 -8.27 23.33 9.34
CA ALA A 185 -7.39 22.90 8.24
C ALA A 185 -6.95 24.11 7.41
N TYR A 186 -7.92 24.96 7.03
CA TYR A 186 -7.58 26.15 6.25
C TYR A 186 -6.70 27.12 7.01
N GLU A 187 -7.03 27.35 8.28
CA GLU A 187 -6.25 28.24 9.13
C GLU A 187 -4.82 27.73 9.31
N CYS A 188 -4.68 26.42 9.36
CA CYS A 188 -3.35 25.78 9.43
C CYS A 188 -2.54 26.00 8.19
N LEU A 189 -3.20 25.96 7.03
CA LEU A 189 -2.48 26.26 5.80
C LEU A 189 -1.94 27.70 5.83
N CYS A 190 -2.79 28.64 6.21
CA CYS A 190 -2.37 30.05 6.33
C CYS A 190 -1.22 30.20 7.32
N ALA A 191 -1.34 29.53 8.46
CA ALA A 191 -0.28 29.57 9.49
C ALA A 191 1.06 29.09 8.93
N GLY A 192 1.03 28.01 8.18
CA GLY A 192 2.24 27.50 7.54
C GLY A 192 2.78 28.45 6.48
N ILE A 193 1.88 28.98 5.65
CA ILE A 193 2.31 29.89 4.59
C ILE A 193 2.97 31.13 5.20
N GLY A 194 2.54 31.48 6.42
CA GLY A 194 3.01 32.67 7.11
C GLY A 194 4.41 32.59 7.69
N VAL A 195 5.14 31.51 7.41
CA VAL A 195 6.54 31.40 7.82
C VAL A 195 7.47 31.47 6.61
N VAL A 196 6.89 31.40 5.41
CA VAL A 196 7.68 31.23 4.18
C VAL A 196 8.30 32.56 3.73
N LYS A 197 9.63 32.63 3.77
CA LYS A 197 10.41 33.79 3.30
C LYS A 197 11.84 33.34 3.18
N PRO A 198 12.69 34.08 2.42
CA PRO A 198 14.11 33.72 2.36
C PRO A 198 14.74 33.54 3.75
N GLU A 199 15.67 32.59 3.84
CA GLU A 199 16.44 32.28 5.06
C GLU A 199 15.65 31.67 6.24
N ALA A 200 14.33 31.50 6.10
CA ALA A 200 13.55 30.73 7.08
C ALA A 200 13.88 29.23 6.97
N LEU A 201 13.75 28.51 8.08
CA LEU A 201 14.02 27.07 8.08
C LEU A 201 12.76 26.30 7.75
N TYR A 202 12.91 25.25 6.93
CA TYR A 202 11.76 24.43 6.55
C TYR A 202 11.02 23.88 7.79
N LYS A 203 11.76 23.59 8.86
CA LYS A 203 11.16 23.07 10.09
C LYS A 203 10.14 23.98 10.79
N GLN A 204 10.23 25.29 10.55
CA GLN A 204 9.37 26.23 11.25
C GLN A 204 7.92 26.18 10.77
N VAL A 205 7.72 25.59 9.58
CA VAL A 205 6.38 25.44 9.02
C VAL A 205 5.45 24.61 9.94
N GLY A 206 5.97 23.49 10.47
CA GLY A 206 5.19 22.61 11.32
C GLY A 206 4.97 23.16 12.71
N ASP A 207 5.93 23.97 13.14
CA ASP A 207 5.81 24.73 14.39
C ASP A 207 4.54 25.56 14.34
N ALA A 208 4.43 26.41 13.32
CA ALA A 208 3.25 27.26 13.13
C ALA A 208 1.96 26.45 12.93
N ILE A 209 2.04 25.39 12.12
CA ILE A 209 0.84 24.60 11.79
C ILE A 209 0.25 23.96 13.04
N GLU A 210 1.11 23.28 13.80
CA GLU A 210 0.65 22.58 15.01
C GLU A 210 0.11 23.56 16.06
N ALA A 211 0.85 24.64 16.29
CA ALA A 211 0.40 25.71 17.19
C ALA A 211 -1.03 26.10 16.84
N CYS A 212 -1.26 26.46 15.57
CA CYS A 212 -2.59 26.81 15.08
C CYS A 212 -3.60 25.67 15.21
N ALA A 213 -3.15 24.43 14.96
CA ALA A 213 -4.02 23.26 15.04
C ALA A 213 -4.56 23.02 16.45
N SER A 214 -3.69 23.15 17.45
CA SER A 214 -4.10 23.04 18.86
C SER A 214 -5.34 23.87 19.16
N GLN A 215 -5.30 25.14 18.74
CA GLN A 215 -6.36 26.12 19.02
C GLN A 215 -7.76 25.77 18.51
N TYR A 216 -7.87 24.69 17.73
CA TYR A 216 -9.18 24.21 17.30
C TYR A 216 -9.49 22.78 17.80
N GLN A 217 -8.69 22.31 18.76
CA GLN A 217 -8.82 20.95 19.35
C GLN A 217 -8.56 19.87 18.29
N CYS A 218 -7.50 20.07 17.51
CA CYS A 218 -7.21 19.21 16.34
C CYS A 218 -5.74 18.77 16.35
N SER A 219 -5.49 17.56 15.84
CA SER A 219 -4.14 16.99 15.74
CA SER A 219 -4.12 17.06 15.75
C SER A 219 -3.62 17.10 14.31
N VAL A 220 -2.30 16.94 14.14
CA VAL A 220 -1.66 17.03 12.82
C VAL A 220 -1.07 15.68 12.35
N VAL A 221 -1.48 15.25 11.15
CA VAL A 221 -0.93 14.05 10.47
C VAL A 221 0.60 14.13 10.33
N ARG A 222 1.27 13.09 10.82
CA ARG A 222 2.73 13.01 10.78
C ARG A 222 3.30 12.23 9.59
N THR A 223 2.50 11.34 9.00
CA THR A 223 3.01 10.40 7.99
C THR A 223 3.13 11.06 6.62
N TYR A 224 2.32 12.07 6.37
CA TYR A 224 2.25 12.67 5.02
C TYR A 224 2.63 14.15 5.09
N THR A 225 3.31 14.64 4.05
CA THR A 225 3.95 15.95 4.14
C THR A 225 3.74 16.74 2.86
N GLY A 226 4.07 18.03 2.91
CA GLY A 226 4.22 18.83 1.69
C GLY A 226 5.50 18.42 1.00
N HIS A 227 5.73 18.97 -0.19
CA HIS A 227 6.82 18.50 -1.06
C HIS A 227 7.19 19.51 -2.12
N GLY A 228 8.44 19.43 -2.59
CA GLY A 228 8.79 20.02 -3.87
C GLY A 228 7.87 19.55 -5.00
N VAL A 229 7.66 20.45 -5.96
CA VAL A 229 6.84 20.18 -7.12
C VAL A 229 7.40 21.07 -8.24
N GLY A 230 7.32 20.59 -9.47
CA GLY A 230 7.85 21.33 -10.62
C GLY A 230 8.03 20.42 -11.82
N HIS A 231 9.28 20.17 -12.20
CA HIS A 231 9.63 19.14 -13.18
C HIS A 231 9.03 17.81 -12.69
N LEU A 232 9.15 17.58 -11.38
CA LEU A 232 8.69 16.34 -10.77
C LEU A 232 7.41 16.59 -9.97
N PHE A 233 6.65 15.53 -9.73
CA PHE A 233 5.41 15.60 -8.99
C PHE A 233 5.72 15.73 -7.50
N HIS A 234 6.57 14.84 -6.98
CA HIS A 234 7.06 14.96 -5.62
C HIS A 234 8.58 14.93 -5.62
N THR A 235 9.16 15.91 -4.93
CA THR A 235 10.61 16.08 -4.83
C THR A 235 10.88 16.91 -3.56
N SER A 236 12.16 17.17 -3.29
CA SER A 236 12.52 17.97 -2.12
C SER A 236 12.11 19.43 -2.36
N PRO A 237 11.81 20.19 -1.28
CA PRO A 237 11.98 19.79 0.12
C PRO A 237 10.83 18.90 0.64
N THR A 238 11.12 18.15 1.70
CA THR A 238 10.08 17.51 2.49
C THR A 238 9.58 18.55 3.48
N VAL A 239 8.27 18.83 3.44
CA VAL A 239 7.65 19.86 4.29
C VAL A 239 6.72 19.28 5.35
N CYS A 240 7.29 19.00 6.53
CA CYS A 240 6.53 18.40 7.63
C CYS A 240 5.56 19.40 8.22
N HIS A 241 4.41 18.91 8.65
CA HIS A 241 3.34 19.77 9.09
C HIS A 241 3.24 19.82 10.62
N TYR A 242 4.04 19.02 11.31
CA TYR A 242 4.03 18.94 12.77
C TYR A 242 5.27 19.61 13.38
N ALA A 243 5.22 19.93 14.67
CA ALA A 243 6.33 20.61 15.35
C ALA A 243 7.59 19.74 15.49
N ASN A 244 8.75 20.30 15.13
CA ASN A 244 10.05 19.62 15.19
C ASN A 244 10.13 18.30 14.42
N LEU A 248 14.97 19.55 8.06
CA LEU A 248 16.30 19.89 7.60
C LEU A 248 16.24 20.78 6.36
N GLY A 249 17.02 21.88 6.38
CA GLY A 249 17.09 22.79 5.25
C GLY A 249 16.60 24.20 5.53
N MET A 250 17.02 25.14 4.69
CA MET A 250 16.67 26.55 4.83
C MET A 250 16.07 27.03 3.51
N MET A 251 15.01 27.84 3.59
CA MET A 251 14.35 28.37 2.39
C MET A 251 15.24 29.37 1.64
N ARG A 252 15.07 29.40 0.32
CA ARG A 252 15.82 30.32 -0.52
C ARG A 252 14.94 30.79 -1.68
N PRO A 253 15.16 32.04 -2.15
CA PRO A 253 14.40 32.52 -3.32
C PRO A 253 14.43 31.48 -4.45
N GLY A 254 13.27 31.19 -5.03
CA GLY A 254 13.17 30.23 -6.13
C GLY A 254 12.92 28.78 -5.73
N HIS A 255 12.72 28.52 -4.44
CA HIS A 255 12.24 27.21 -4.00
C HIS A 255 10.73 27.13 -4.23
N VAL A 256 10.31 26.06 -4.92
CA VAL A 256 8.89 25.82 -5.22
C VAL A 256 8.42 24.54 -4.54
N PHE A 257 7.41 24.67 -3.68
CA PHE A 257 6.93 23.55 -2.87
C PHE A 257 5.47 23.73 -2.46
N THR A 258 4.94 22.72 -1.79
CA THR A 258 3.58 22.75 -1.29
C THR A 258 3.61 22.73 0.22
N ILE A 259 2.58 23.33 0.82
CA ILE A 259 2.25 23.16 2.21
C ILE A 259 0.85 22.62 2.14
N GLU A 260 0.60 21.48 2.79
CA GLU A 260 -0.68 20.79 2.63
C GLU A 260 -1.17 20.05 3.89
N PRO A 261 -1.33 20.79 5.01
CA PRO A 261 -1.60 20.23 6.32
C PRO A 261 -2.89 19.41 6.30
N MET A 262 -2.77 18.20 6.83
CA MET A 262 -3.91 17.31 7.00
C MET A 262 -4.14 17.31 8.50
N ILE A 263 -5.37 17.65 8.85
CA ILE A 263 -5.75 17.96 10.23
C ILE A 263 -6.88 17.03 10.59
N ASN A 264 -6.79 16.44 11.79
CA ASN A 264 -7.81 15.50 12.31
C ASN A 264 -8.51 15.96 13.59
N LEU A 265 -9.79 15.65 13.71
CA LEU A 265 -10.58 15.84 14.95
C LEU A 265 -10.12 14.94 16.11
N GLY A 266 -9.71 13.71 15.80
CA GLY A 266 -9.25 12.78 16.84
C GLY A 266 -7.74 12.70 16.94
N THR A 267 -7.25 11.46 17.00
CA THR A 267 -5.82 11.13 16.99
C THR A 267 -5.14 11.63 15.70
N TRP A 268 -3.83 11.78 15.77
CA TRP A 268 -2.99 12.13 14.61
C TRP A 268 -2.73 10.93 13.69
N GLN A 269 -2.87 9.73 14.25
CA GLN A 269 -2.46 8.49 13.58
C GLN A 269 -3.31 8.10 12.39
N ASP A 270 -2.65 7.47 11.43
CA ASP A 270 -3.28 7.09 10.18
C ASP A 270 -3.14 5.59 9.96
N VAL A 271 -4.04 5.04 9.17
CA VAL A 271 -3.93 3.68 8.65
C VAL A 271 -4.20 3.76 7.16
N THR A 272 -3.89 2.68 6.45
CA THR A 272 -4.07 2.63 4.99
C THR A 272 -5.00 1.51 4.62
N TRP A 273 -5.98 1.79 3.77
CA TRP A 273 -6.90 0.77 3.23
C TRP A 273 -6.19 -0.32 2.39
N PRO A 274 -6.86 -1.47 2.19
CA PRO A 274 -6.36 -2.56 1.34
C PRO A 274 -6.07 -2.13 -0.08
N ASP A 275 -6.69 -1.05 -0.56
CA ASP A 275 -6.40 -0.56 -1.92
C ASP A 275 -5.00 0.03 -2.04
N LYS A 276 -4.33 0.15 -0.89
CA LYS A 276 -2.92 0.55 -0.79
C LYS A 276 -2.71 2.06 -0.85
N TRP A 277 -3.79 2.83 -1.00
CA TRP A 277 -3.69 4.28 -1.22
C TRP A 277 -4.46 5.05 -0.15
N THR A 278 -5.73 4.71 -0.01
CA THR A 278 -6.61 5.47 0.87
C THR A 278 -6.12 5.43 2.30
N SER A 279 -5.85 6.61 2.86
CA SER A 279 -5.43 6.73 4.22
C SER A 279 -6.58 7.31 5.03
N THR A 280 -6.94 6.61 6.11
CA THR A 280 -7.92 7.18 7.05
C THR A 280 -7.29 7.40 8.41
N THR A 281 -7.97 8.17 9.25
CA THR A 281 -7.53 8.32 10.63
C THR A 281 -7.63 6.96 11.34
N LYS A 282 -6.73 6.71 12.28
CA LYS A 282 -6.79 5.48 13.06
C LYS A 282 -8.07 5.35 13.89
N ASP A 283 -8.56 6.46 14.45
CA ASP A 283 -9.75 6.42 15.29
C ASP A 283 -11.07 6.63 14.53
N GLY A 284 -10.99 6.89 13.23
CA GLY A 284 -12.19 7.00 12.40
C GLY A 284 -12.86 8.37 12.45
N ARG A 285 -12.29 9.28 13.23
CA ARG A 285 -12.80 10.65 13.29
C ARG A 285 -12.48 11.36 11.97
N ARG A 286 -13.13 12.51 11.73
CA ARG A 286 -12.97 13.17 10.43
C ARG A 286 -11.61 13.87 10.25
N SER A 287 -11.19 14.03 8.98
CA SER A 287 -9.92 14.70 8.65
C SER A 287 -10.14 15.69 7.50
N ALA A 288 -9.35 16.77 7.48
CA ALA A 288 -9.48 17.79 6.43
C ALA A 288 -8.15 18.40 6.05
N GLN A 289 -8.08 18.92 4.83
CA GLN A 289 -6.82 19.36 4.23
C GLN A 289 -7.04 20.50 3.24
N PHE A 290 -6.06 21.37 3.15
CA PHE A 290 -6.00 22.39 2.10
C PHE A 290 -4.60 22.44 1.61
N GLU A 291 -4.42 22.79 0.33
CA GLU A 291 -3.08 22.85 -0.23
C GLU A 291 -2.86 23.96 -1.24
N HIS A 292 -1.75 24.68 -1.11
CA HIS A 292 -1.25 25.56 -2.18
C HIS A 292 0.14 25.15 -2.69
N THR A 293 0.38 25.41 -3.96
CA THR A 293 1.74 25.45 -4.50
C THR A 293 2.23 26.89 -4.38
N MET A 294 3.48 27.06 -3.98
CA MET A 294 4.06 28.40 -3.78
C MET A 294 5.53 28.45 -4.21
N VAL A 295 6.03 29.67 -4.38
CA VAL A 295 7.47 29.93 -4.53
C VAL A 295 7.92 30.88 -3.41
N VAL A 296 9.14 30.66 -2.92
CA VAL A 296 9.77 31.61 -2.01
C VAL A 296 10.29 32.78 -2.85
N THR A 297 9.72 33.97 -2.67
CA THR A 297 10.10 35.11 -3.50
C THR A 297 11.37 35.75 -2.94
N ASN A 298 11.82 36.81 -3.61
CA ASN A 298 12.94 37.61 -3.12
C ASN A 298 12.65 38.18 -1.73
N GLY A 299 11.38 38.51 -1.47
CA GLY A 299 10.95 39.08 -0.20
C GLY A 299 10.15 38.19 0.74
N GLY A 300 9.42 37.22 0.18
CA GLY A 300 8.58 36.35 1.02
C GLY A 300 8.06 35.14 0.26
N VAL A 301 6.72 35.04 0.18
CA VAL A 301 6.06 33.93 -0.48
C VAL A 301 5.00 34.41 -1.47
N GLU A 302 4.76 33.60 -2.49
CA GLU A 302 3.66 33.83 -3.42
C GLU A 302 3.05 32.50 -3.84
N ILE A 303 1.75 32.37 -3.59
CA ILE A 303 0.99 31.18 -3.92
C ILE A 303 0.46 31.30 -5.34
N PHE A 304 0.56 30.21 -6.09
CA PHE A 304 0.13 30.20 -7.49
C PHE A 304 -1.26 29.61 -7.64
N THR A 305 -1.81 29.11 -6.55
CA THR A 305 -3.02 28.32 -6.63
C THR A 305 -4.22 28.95 -5.92
N ASP A 306 -4.12 30.26 -5.66
CA ASP A 306 -5.18 30.97 -4.94
C ASP A 306 -6.55 30.83 -5.62
N TRP A 307 -7.62 30.99 -4.85
CA TRP A 307 -8.97 31.05 -5.43
C TRP A 307 -9.06 32.35 -6.24
N VAL A 308 -10.03 32.40 -7.15
CA VAL A 308 -10.20 33.51 -8.09
C VAL A 308 -10.29 34.86 -7.34
N ASP A 309 -10.96 34.84 -6.19
CA ASP A 309 -11.12 36.04 -5.37
C ASP A 309 -10.40 35.93 -4.04
N GLY A 310 -9.71 34.81 -3.79
CA GLY A 310 -9.00 34.64 -2.52
C GLY A 310 -9.92 34.22 -1.38
N VAL A 311 -11.19 33.99 -1.70
CA VAL A 311 -12.13 33.47 -0.71
C VAL A 311 -12.20 31.95 -0.90
N PRO A 312 -11.81 31.17 0.12
CA PRO A 312 -11.97 29.70 0.07
C PRO A 312 -13.41 29.29 -0.19
N THR A 313 -13.61 28.38 -1.16
CA THR A 313 -14.96 27.92 -1.53
C THR A 313 -15.83 27.52 -0.33
N TYR A 314 -15.25 26.86 0.68
CA TYR A 314 -16.02 26.45 1.85
C TYR A 314 -16.59 27.65 2.62
N GLN A 315 -15.87 28.77 2.58
CA GLN A 315 -16.34 30.00 3.24
C GLN A 315 -17.56 30.60 2.52
N LYS A 316 -17.49 30.67 1.19
CA LYS A 316 -18.61 31.09 0.34
C LYS A 316 -19.85 30.25 0.55
N GLN A 317 -19.65 28.94 0.73
CA GLN A 317 -20.74 27.99 1.03
C GLN A 317 -21.37 28.28 2.37
N LEU A 318 -20.52 28.62 3.35
CA LEU A 318 -20.93 28.92 4.72
C LEU A 318 -21.70 30.24 4.82
N LYS A 319 -21.13 31.30 4.23
CA LYS A 319 -21.79 32.60 4.17
C LYS A 319 -23.16 32.47 3.49
N GLU A 320 -23.21 31.78 2.34
CA GLU A 320 -24.48 31.53 1.65
C GLU A 320 -25.51 30.74 2.47
N TRP A 321 -25.02 29.88 3.38
CA TRP A 321 -25.92 29.15 4.28
C TRP A 321 -26.12 29.89 5.59
N GLY A 322 -25.29 30.90 5.83
CA GLY A 322 -25.36 31.67 7.06
C GLY A 322 -24.94 30.86 8.27
N ILE A 323 -23.68 30.47 8.30
CA ILE A 323 -23.12 29.72 9.44
C ILE A 323 -21.94 30.50 9.99
N MET A 324 -21.90 30.67 11.31
CA MET A 324 -20.82 31.40 12.01
C MET A 324 -19.48 30.66 11.89
N LEU A 325 -18.40 31.42 11.72
CA LEU A 325 -17.06 30.85 11.77
C LEU A 325 -16.66 30.64 13.22
N PRO A 326 -16.28 29.39 13.57
CA PRO A 326 -15.86 29.16 14.95
C PRO A 326 -14.55 29.90 15.23
N GLN A 327 -14.51 30.59 16.36
CA GLN A 327 -13.33 31.34 16.76
C GLN A 327 -12.29 30.38 17.34
N ARG A 328 -11.02 30.82 17.37
CA ARG A 328 -9.93 30.11 18.02
C ARG A 328 -10.20 29.89 19.51
N LYS A 329 -9.24 29.30 20.22
CA LYS A 329 -9.27 29.16 21.68
C LYS A 329 -7.86 29.39 22.28
N GLU A 330 -7.79 29.51 23.61
CA GLU A 330 -6.51 29.71 24.30
C GLU A 330 -5.86 28.38 24.67
N SER A 333 -0.62 28.35 27.24
CA SER A 333 0.63 28.01 27.90
C SER A 333 0.69 28.51 29.36
N ALA A 334 0.31 29.77 29.58
CA ALA A 334 0.48 30.43 30.88
C ALA A 334 -0.83 30.79 31.55
N THR A 335 -0.82 30.81 32.89
CA THR A 335 -1.95 31.33 33.66
C THR A 335 -1.45 32.18 34.85
N ALA A 336 -2.35 32.92 35.48
CA ALA A 336 -2.00 33.77 36.64
C ALA A 336 -3.16 33.87 37.60
N VAL A 337 -2.90 33.57 38.88
CA VAL A 337 -3.96 33.53 39.91
C VAL A 337 -3.61 34.31 41.18
N ALA B 2 -0.50 14.02 -1.34
CA ALA B 2 0.55 14.34 -0.34
C ALA B 2 1.72 13.38 -0.50
N MET B 3 2.91 13.75 0.00
CA MET B 3 4.07 12.87 -0.12
C MET B 3 4.21 12.04 1.17
N LYS B 4 4.50 10.75 1.02
CA LYS B 4 4.56 9.82 2.14
C LYS B 4 5.96 9.74 2.72
N THR B 5 6.06 9.71 4.03
CA THR B 5 7.37 9.51 4.63
CA THR B 5 7.35 9.57 4.73
C THR B 5 7.42 8.19 5.40
N PHE B 6 8.63 7.64 5.51
CA PHE B 6 8.80 6.32 6.11
C PHE B 6 10.16 6.20 6.73
N ASP B 7 10.21 5.72 7.96
CA ASP B 7 11.48 5.41 8.58
C ASP B 7 11.64 3.88 8.71
N PHE B 8 12.78 3.39 8.25
CA PHE B 8 13.09 1.95 8.27
C PHE B 8 13.30 1.51 9.71
N THR B 9 12.92 0.28 10.04
CA THR B 9 12.94 -0.15 11.43
C THR B 9 14.05 -1.15 11.72
N GLY B 10 14.72 -1.62 10.68
CA GLY B 10 15.84 -2.56 10.84
C GLY B 10 16.94 -2.19 9.87
N PRO B 11 17.98 -3.03 9.73
CA PRO B 11 19.08 -2.65 8.82
C PRO B 11 18.79 -2.85 7.34
N LEU B 12 17.83 -3.70 7.01
CA LEU B 12 17.54 -3.97 5.61
C LEU B 12 17.07 -2.71 4.86
N ARG B 13 17.58 -2.53 3.65
CA ARG B 13 17.10 -1.48 2.74
C ARG B 13 16.80 -2.07 1.36
N PRO B 14 15.86 -1.46 0.63
CA PRO B 14 15.57 -1.95 -0.72
C PRO B 14 16.74 -1.79 -1.68
N GLY B 15 16.97 -2.80 -2.52
CA GLY B 15 17.82 -2.66 -3.68
C GLY B 15 17.00 -2.09 -4.83
N LYS B 16 17.58 -2.15 -6.04
CA LYS B 16 16.94 -1.68 -7.26
CA LYS B 16 16.87 -1.65 -7.20
C LYS B 16 15.97 -2.75 -7.73
N ILE B 17 14.81 -2.35 -8.22
CA ILE B 17 13.84 -3.28 -8.77
C ILE B 17 13.85 -3.12 -10.30
N THR B 18 14.01 -4.23 -10.99
CA THR B 18 14.06 -4.22 -12.46
C THR B 18 12.71 -4.59 -13.05
N PRO B 19 12.51 -4.42 -14.37
CA PRO B 19 11.18 -4.75 -14.94
C PRO B 19 10.69 -6.16 -14.64
N ARG B 20 9.39 -6.33 -14.57
CA ARG B 20 8.83 -7.71 -14.48
C ARG B 20 9.11 -8.53 -15.75
N ARG B 21 9.29 -9.83 -15.59
CA ARG B 21 9.59 -10.72 -16.69
C ARG B 21 8.31 -11.07 -17.48
N ALA B 22 8.48 -11.26 -18.78
CA ALA B 22 7.40 -11.59 -19.72
C ALA B 22 7.03 -13.06 -19.59
N VAL B 23 5.74 -13.36 -19.72
CA VAL B 23 5.26 -14.76 -19.77
C VAL B 23 4.97 -15.15 -21.23
N PRO B 24 5.48 -16.31 -21.68
CA PRO B 24 5.22 -16.78 -23.05
C PRO B 24 3.73 -16.75 -23.42
N SER B 25 3.45 -16.45 -24.70
CA SER B 25 2.08 -16.27 -25.17
C SER B 25 1.12 -17.43 -24.93
N HIS B 26 1.62 -18.66 -25.02
CA HIS B 26 0.76 -19.85 -24.99
C HIS B 26 0.25 -20.17 -23.59
N ILE B 27 0.80 -19.50 -22.59
CA ILE B 27 0.49 -19.87 -21.20
C ILE B 27 -0.73 -19.12 -20.77
N LEU B 28 -1.71 -19.84 -20.22
CA LEU B 28 -2.98 -19.21 -19.83
C LEU B 28 -2.82 -18.35 -18.60
N ARG B 29 -3.42 -17.18 -18.69
CA ARG B 29 -3.33 -16.11 -17.68
CA ARG B 29 -3.30 -16.18 -17.64
C ARG B 29 -4.55 -16.09 -16.78
N PRO B 30 -4.35 -15.78 -15.48
CA PRO B 30 -5.51 -15.55 -14.63
C PRO B 30 -6.03 -14.13 -14.93
N ASP B 31 -7.18 -13.79 -14.38
CA ASP B 31 -7.92 -12.60 -14.85
C ASP B 31 -7.30 -11.25 -14.55
N TYR B 32 -6.38 -11.20 -13.60
CA TYR B 32 -5.70 -9.96 -13.23
C TYR B 32 -4.40 -9.70 -13.99
N ALA B 33 -3.93 -10.67 -14.75
CA ALA B 33 -2.61 -10.62 -15.40
C ALA B 33 -2.47 -9.46 -16.35
N ASP B 34 -3.51 -9.19 -17.12
CA ASP B 34 -3.36 -8.21 -18.18
C ASP B 34 -3.97 -6.84 -17.89
N ARG B 35 -4.58 -6.70 -16.71
CA ARG B 35 -5.23 -5.47 -16.28
C ARG B 35 -4.23 -4.51 -15.66
N ALA B 36 -4.24 -3.25 -16.11
CA ALA B 36 -3.45 -2.23 -15.42
C ALA B 36 -3.98 -2.13 -13.98
N GLY B 37 -3.12 -2.17 -12.98
CA GLY B 37 -3.55 -2.22 -11.58
C GLY B 37 -3.76 -3.62 -10.99
N GLY B 38 -3.91 -4.61 -11.86
CA GLY B 38 -3.88 -6.03 -11.45
C GLY B 38 -5.07 -6.44 -10.59
N VAL B 39 -6.20 -5.72 -10.69
CA VAL B 39 -7.36 -6.10 -9.90
C VAL B 39 -7.96 -7.42 -10.46
N SER B 40 -8.32 -8.36 -9.57
CA SER B 40 -8.94 -9.60 -10.01
C SER B 40 -10.46 -9.44 -9.91
N ALA B 41 -11.12 -9.30 -11.05
CA ALA B 41 -12.59 -9.12 -11.03
C ALA B 41 -13.27 -10.27 -10.28
N SER B 42 -12.80 -11.50 -10.50
CA SER B 42 -13.39 -12.66 -9.87
C SER B 42 -13.24 -12.66 -8.35
N GLU B 43 -12.09 -12.18 -7.85
CA GLU B 43 -11.95 -12.01 -6.42
C GLU B 43 -12.83 -10.90 -5.84
N GLU B 44 -13.00 -9.80 -6.58
CA GLU B 44 -13.83 -8.71 -6.06
C GLU B 44 -15.27 -9.19 -5.97
N LYS B 45 -15.68 -10.00 -6.94
CA LYS B 45 -17.02 -10.58 -7.01
C LYS B 45 -17.23 -11.58 -5.86
N ASP B 46 -16.23 -12.42 -5.60
CA ASP B 46 -16.33 -13.48 -4.61
C ASP B 46 -16.31 -13.00 -3.15
N ARG B 47 -15.54 -11.95 -2.86
CA ARG B 47 -15.21 -11.56 -1.46
C ARG B 47 -16.46 -11.50 -0.58
N GLY B 48 -16.37 -12.10 0.60
CA GLY B 48 -17.49 -12.20 1.53
C GLY B 48 -18.28 -13.52 1.43
N SER B 49 -18.36 -14.11 0.24
CA SER B 49 -19.17 -15.33 0.03
C SER B 49 -18.67 -16.54 0.87
N LYS B 50 -19.52 -17.56 0.97
CA LYS B 50 -19.27 -18.73 1.83
C LYS B 50 -18.13 -19.59 1.33
N VAL B 51 -17.45 -20.27 2.24
CA VAL B 51 -16.38 -21.19 1.84
C VAL B 51 -16.90 -22.29 0.93
N LYS B 52 -16.22 -22.47 -0.20
CA LYS B 52 -16.49 -23.52 -1.15
C LYS B 52 -16.22 -24.91 -0.62
N VAL B 53 -17.12 -25.83 -0.91
CA VAL B 53 -16.85 -27.26 -0.66
C VAL B 53 -16.46 -27.95 -1.97
N TYR B 54 -15.16 -28.29 -2.11
CA TYR B 54 -14.70 -29.05 -3.26
C TYR B 54 -15.20 -30.49 -3.22
N ASN B 55 -15.42 -31.06 -4.39
CA ASN B 55 -15.78 -32.49 -4.46
C ASN B 55 -14.51 -33.30 -4.21
N ILE B 56 -14.51 -34.16 -3.19
CA ILE B 56 -13.31 -34.98 -2.93
C ILE B 56 -13.54 -36.45 -3.23
N GLN B 57 -14.63 -36.75 -3.95
CA GLN B 57 -14.84 -38.08 -4.49
C GLN B 57 -13.57 -38.74 -5.08
N PHE B 58 -12.80 -37.95 -5.83
CA PHE B 58 -11.63 -38.45 -6.50
C PHE B 58 -10.30 -37.90 -5.97
N LEU B 59 -10.34 -37.38 -4.74
CA LEU B 59 -9.10 -36.96 -4.05
C LEU B 59 -8.00 -38.04 -4.05
N HIS B 60 -8.42 -39.31 -3.95
CA HIS B 60 -7.49 -40.40 -3.84
C HIS B 60 -7.48 -41.28 -5.09
N ASP B 61 -7.89 -40.69 -6.21
CA ASP B 61 -7.66 -41.27 -7.52
C ASP B 61 -6.94 -40.26 -8.43
N ASP B 62 -5.61 -40.34 -8.43
CA ASP B 62 -4.75 -39.33 -9.05
C ASP B 62 -4.77 -39.45 -10.58
N SER B 63 -5.47 -40.45 -11.11
CA SER B 63 -5.67 -40.56 -12.57
C SER B 63 -6.74 -39.55 -13.03
N LYS B 64 -7.62 -39.15 -12.11
CA LYS B 64 -8.70 -38.18 -12.40
C LYS B 64 -8.23 -36.72 -12.49
N LYS B 65 -7.35 -36.45 -13.45
CA LYS B 65 -6.64 -35.19 -13.54
C LYS B 65 -7.51 -33.96 -13.74
N THR B 66 -8.75 -34.13 -14.21
CA THR B 66 -9.59 -32.98 -14.51
C THR B 66 -10.43 -32.49 -13.33
N ALA B 67 -10.56 -33.30 -12.28
CA ALA B 67 -11.30 -32.95 -11.07
C ALA B 67 -10.69 -31.70 -10.45
N GLU B 68 -11.52 -30.80 -9.93
CA GLU B 68 -11.00 -29.55 -9.39
C GLU B 68 -9.92 -29.82 -8.36
N ILE B 69 -10.20 -30.76 -7.46
CA ILE B 69 -9.22 -31.00 -6.37
C ILE B 69 -7.90 -31.55 -6.91
N GLN B 70 -7.96 -32.30 -8.01
CA GLN B 70 -6.76 -32.84 -8.64
C GLN B 70 -6.01 -31.76 -9.40
N ARG B 71 -6.72 -30.84 -10.02
CA ARG B 71 -6.02 -29.71 -10.64
CA ARG B 71 -6.05 -29.68 -10.63
C ARG B 71 -5.30 -28.87 -9.57
N ILE B 72 -5.91 -28.70 -8.40
CA ILE B 72 -5.21 -28.02 -7.29
C ILE B 72 -3.96 -28.80 -6.86
N LYS B 73 -4.08 -30.11 -6.70
CA LYS B 73 -2.92 -30.96 -6.35
C LYS B 73 -1.76 -30.87 -7.36
N THR B 74 -2.10 -30.92 -8.65
CA THR B 74 -1.14 -30.85 -9.73
C THR B 74 -0.35 -29.56 -9.69
N VAL B 75 -1.06 -28.44 -9.59
CA VAL B 75 -0.36 -27.14 -9.60
C VAL B 75 0.46 -26.99 -8.32
N CYS B 76 -0.03 -27.54 -7.21
CA CYS B 76 0.79 -27.51 -5.99
C CYS B 76 2.10 -28.30 -6.08
N GLN B 77 2.05 -29.49 -6.69
CA GLN B 77 3.21 -30.38 -6.80
C GLN B 77 4.22 -29.75 -7.75
N LEU B 78 3.72 -29.18 -8.85
CA LEU B 78 4.56 -28.44 -9.75
C LEU B 78 5.22 -27.22 -9.12
N SER B 79 4.49 -26.53 -8.26
CA SER B 79 5.04 -25.39 -7.51
C SER B 79 6.11 -25.80 -6.49
N ARG B 80 5.95 -26.96 -5.86
CA ARG B 80 7.04 -27.54 -5.03
C ARG B 80 8.32 -27.76 -5.88
N GLU B 81 8.18 -28.25 -7.12
CA GLU B 81 9.37 -28.43 -8.00
C GLU B 81 10.08 -27.08 -8.16
N VAL B 82 9.29 -26.02 -8.38
CA VAL B 82 9.80 -24.67 -8.61
C VAL B 82 10.47 -24.15 -7.34
N LEU B 83 9.81 -24.33 -6.20
CA LEU B 83 10.37 -23.80 -4.93
C LEU B 83 11.70 -24.50 -4.57
N ASP B 84 11.78 -25.82 -4.77
CA ASP B 84 13.02 -26.57 -4.51
C ASP B 84 14.17 -26.14 -5.44
N ILE B 85 13.85 -25.78 -6.69
CA ILE B 85 14.87 -25.19 -7.57
C ILE B 85 15.39 -23.88 -7.00
N ALA B 86 14.47 -23.03 -6.54
CA ALA B 86 14.78 -21.70 -6.00
C ALA B 86 15.63 -21.80 -4.72
N THR B 87 15.24 -22.67 -3.79
CA THR B 87 16.02 -22.78 -2.56
C THR B 87 17.39 -23.36 -2.78
N ALA B 88 17.53 -24.24 -3.76
CA ALA B 88 18.82 -24.80 -4.08
C ALA B 88 19.75 -23.73 -4.63
N ALA B 89 19.19 -22.73 -5.31
CA ALA B 89 20.01 -21.65 -5.91
C ALA B 89 20.36 -20.50 -4.95
N ALA B 90 19.67 -20.41 -3.82
CA ALA B 90 19.86 -19.31 -2.89
C ALA B 90 21.14 -19.55 -2.11
N LYS B 91 22.07 -18.60 -2.19
CA LYS B 91 23.39 -18.71 -1.57
CA LYS B 91 23.40 -18.71 -1.59
C LYS B 91 23.90 -17.30 -1.30
N PRO B 92 24.85 -17.14 -0.35
CA PRO B 92 25.44 -15.84 -0.23
C PRO B 92 25.94 -15.33 -1.60
N GLY B 93 25.76 -14.04 -1.85
CA GLY B 93 26.19 -13.41 -3.09
C GLY B 93 25.16 -13.40 -4.23
N ILE B 94 24.07 -14.14 -4.09
CA ILE B 94 22.98 -14.20 -5.11
C ILE B 94 21.95 -13.13 -4.74
N THR B 95 21.44 -12.38 -5.73
CA THR B 95 20.42 -11.35 -5.41
C THR B 95 19.04 -12.03 -5.40
N THR B 96 18.08 -11.40 -4.75
CA THR B 96 16.74 -11.97 -4.83
C THR B 96 16.17 -11.80 -6.26
N ASP B 97 16.61 -10.79 -7.01
CA ASP B 97 16.17 -10.69 -8.41
C ASP B 97 16.65 -11.87 -9.23
N GLU B 98 17.85 -12.39 -8.95
CA GLU B 98 18.34 -13.60 -9.60
C GLU B 98 17.44 -14.79 -9.25
N LEU B 99 16.90 -14.79 -8.05
CA LEU B 99 15.97 -15.86 -7.67
C LEU B 99 14.63 -15.71 -8.41
N ASP B 100 14.22 -14.47 -8.63
CA ASP B 100 13.03 -14.20 -9.45
C ASP B 100 13.20 -14.72 -10.87
N ARG B 101 14.36 -14.48 -11.51
CA ARG B 101 14.66 -15.11 -12.83
C ARG B 101 14.44 -16.63 -12.82
N ILE B 102 15.00 -17.31 -11.81
CA ILE B 102 14.98 -18.76 -11.71
C ILE B 102 13.56 -19.26 -11.46
N VAL B 103 12.80 -18.62 -10.56
CA VAL B 103 11.43 -19.04 -10.31
C VAL B 103 10.57 -18.75 -11.56
N HIS B 104 10.71 -17.54 -12.09
CA HIS B 104 9.91 -17.20 -13.30
C HIS B 104 10.16 -18.23 -14.41
N GLU B 105 11.42 -18.49 -14.75
CA GLU B 105 11.76 -19.44 -15.83
C GLU B 105 11.34 -20.90 -15.55
N ALA B 106 11.50 -21.37 -14.32
CA ALA B 106 11.07 -22.72 -13.98
C ALA B 106 9.55 -22.88 -14.01
N THR B 107 8.83 -21.80 -13.72
CA THR B 107 7.35 -21.80 -13.74
C THR B 107 6.88 -21.84 -15.20
N VAL B 108 7.40 -20.96 -16.04
CA VAL B 108 6.93 -20.96 -17.42
C VAL B 108 7.40 -22.18 -18.20
N GLU B 109 8.52 -22.74 -17.79
CA GLU B 109 9.02 -24.00 -18.38
C GLU B 109 7.99 -25.14 -18.17
N ARG B 110 7.23 -25.02 -17.08
CA ARG B 110 6.20 -25.99 -16.72
C ARG B 110 4.83 -25.59 -17.27
N ASN B 111 4.82 -24.60 -18.16
CA ASN B 111 3.60 -24.09 -18.79
C ASN B 111 2.59 -23.46 -17.82
N MET B 112 3.12 -22.87 -16.76
CA MET B 112 2.30 -22.27 -15.72
CA MET B 112 2.29 -22.29 -15.73
C MET B 112 2.55 -20.80 -15.68
N TYR B 113 1.62 -20.05 -15.08
CA TYR B 113 1.77 -18.63 -14.91
C TYR B 113 2.18 -18.38 -13.44
N PRO B 114 3.20 -17.53 -13.19
CA PRO B 114 3.54 -17.22 -11.76
C PRO B 114 2.49 -16.29 -11.09
N SER B 115 1.65 -16.84 -10.21
CA SER B 115 0.54 -16.07 -9.63
C SER B 115 0.81 -14.67 -9.08
N PRO B 116 1.94 -14.43 -8.38
CA PRO B 116 2.19 -13.09 -7.85
C PRO B 116 2.28 -12.00 -8.94
N LEU B 117 2.62 -12.41 -10.17
CA LEU B 117 3.00 -11.41 -11.22
C LEU B 117 1.78 -10.55 -11.58
N ASN B 118 1.89 -9.26 -11.27
CA ASN B 118 0.86 -8.24 -11.41
C ASN B 118 -0.38 -8.47 -10.54
N TYR B 119 -0.27 -9.32 -9.51
CA TYR B 119 -1.43 -9.54 -8.66
C TYR B 119 -1.66 -8.31 -7.83
N TYR B 120 -2.77 -7.59 -8.10
CA TYR B 120 -2.98 -6.23 -7.54
C TYR B 120 -1.76 -5.32 -7.72
N GLY B 121 -1.07 -5.53 -8.84
CA GLY B 121 0.09 -4.74 -9.24
C GLY B 121 1.43 -5.17 -8.67
N PHE B 122 1.47 -6.27 -7.90
CA PHE B 122 2.77 -6.77 -7.44
C PHE B 122 3.71 -6.89 -8.62
N PRO B 123 4.95 -6.37 -8.49
CA PRO B 123 5.70 -6.19 -9.72
C PRO B 123 6.67 -7.29 -10.17
N LYS B 124 6.73 -8.42 -9.49
CA LYS B 124 7.67 -9.48 -9.87
C LYS B 124 6.89 -10.81 -9.82
N SER B 125 7.57 -11.93 -10.01
CA SER B 125 6.96 -13.27 -10.17
C SER B 125 6.95 -14.10 -8.90
N VAL B 126 7.62 -13.60 -7.84
CA VAL B 126 7.78 -14.40 -6.61
C VAL B 126 7.99 -13.40 -5.46
N CYS B 127 7.65 -13.78 -4.21
CA CYS B 127 7.98 -12.93 -3.07
C CYS B 127 9.21 -13.51 -2.38
N THR B 128 10.18 -12.63 -2.10
CA THR B 128 11.42 -13.04 -1.49
C THR B 128 11.57 -12.19 -0.25
N SER B 129 11.50 -12.80 0.94
CA SER B 129 11.45 -12.03 2.16
C SER B 129 12.67 -12.32 3.01
N VAL B 130 13.53 -11.30 3.19
CA VAL B 130 14.83 -11.45 3.95
C VAL B 130 14.73 -10.92 5.39
N ASN B 131 15.23 -11.69 6.37
CA ASN B 131 15.39 -11.17 7.76
C ASN B 131 14.13 -10.54 8.41
N GLU B 132 14.14 -9.22 8.66
CA GLU B 132 12.96 -8.57 9.31
C GLU B 132 11.75 -8.45 8.39
N VAL B 133 11.91 -8.79 7.12
CA VAL B 133 10.74 -8.81 6.21
C VAL B 133 9.82 -9.96 6.65
N ILE B 134 8.56 -9.61 6.89
CA ILE B 134 7.52 -10.57 7.29
C ILE B 134 7.00 -11.34 6.09
N CYS B 135 6.71 -10.60 5.02
CA CYS B 135 6.13 -11.18 3.82
C CYS B 135 6.14 -10.15 2.71
N HIS B 136 5.94 -10.61 1.48
CA HIS B 136 5.76 -9.74 0.31
C HIS B 136 6.98 -8.92 -0.08
N GLY B 137 8.17 -9.41 0.28
CA GLY B 137 9.38 -8.77 -0.20
C GLY B 137 9.48 -8.82 -1.72
N ILE B 138 9.89 -7.71 -2.31
CA ILE B 138 10.02 -7.66 -3.77
C ILE B 138 11.44 -8.00 -4.18
N PRO B 139 11.63 -9.01 -5.08
CA PRO B 139 12.96 -9.36 -5.57
C PRO B 139 13.70 -8.12 -6.07
N ASP B 140 14.94 -7.97 -5.65
CA ASP B 140 15.67 -6.73 -6.00
C ASP B 140 17.19 -6.98 -6.14
N SER B 141 17.99 -5.93 -6.28
CA SER B 141 19.43 -6.13 -6.56
C SER B 141 20.27 -6.37 -5.31
N ARG B 142 19.65 -6.55 -4.15
CA ARG B 142 20.45 -6.82 -2.95
C ARG B 142 21.00 -8.25 -2.97
N GLU B 143 22.34 -8.39 -2.83
CA GLU B 143 22.94 -9.69 -2.66
C GLU B 143 22.64 -10.26 -1.27
N LEU B 144 22.23 -11.52 -1.24
CA LEU B 144 22.00 -12.21 0.01
C LEU B 144 23.35 -12.34 0.75
N GLU B 145 23.31 -12.18 2.06
CA GLU B 145 24.55 -12.11 2.85
C GLU B 145 24.66 -13.31 3.77
N GLU B 146 25.90 -13.73 4.03
CA GLU B 146 26.17 -14.75 5.08
C GLU B 146 25.39 -14.43 6.33
N GLY B 147 24.65 -15.40 6.88
CA GLY B 147 23.91 -15.18 8.08
C GLY B 147 22.47 -14.74 7.89
N ASP B 148 22.07 -14.44 6.66
CA ASP B 148 20.67 -14.05 6.42
C ASP B 148 19.74 -15.25 6.51
N ILE B 149 18.44 -14.95 6.69
CA ILE B 149 17.41 -15.95 6.44
C ILE B 149 16.53 -15.44 5.29
N LEU B 150 16.00 -16.36 4.51
CA LEU B 150 15.23 -15.96 3.28
C LEU B 150 13.99 -16.84 3.21
N ASN B 151 12.81 -16.23 3.07
CA ASN B 151 11.63 -16.98 2.68
C ASN B 151 11.34 -16.77 1.19
N ILE B 152 11.07 -17.84 0.46
CA ILE B 152 10.63 -17.74 -0.94
C ILE B 152 9.20 -18.24 -0.93
N ASP B 153 8.28 -17.41 -1.45
CA ASP B 153 6.85 -17.74 -1.46
C ASP B 153 6.44 -17.80 -2.92
N VAL B 154 6.17 -19.02 -3.35
CA VAL B 154 5.87 -19.41 -4.73
C VAL B 154 4.36 -19.65 -4.86
N SER B 155 3.78 -19.08 -5.91
CA SER B 155 2.43 -19.55 -6.24
C SER B 155 2.29 -19.59 -7.77
N SER B 156 1.59 -20.60 -8.28
CA SER B 156 1.48 -20.80 -9.72
C SER B 156 0.02 -21.06 -10.07
N TYR B 157 -0.28 -20.77 -11.32
CA TYR B 157 -1.65 -20.91 -11.84
C TYR B 157 -1.57 -21.74 -13.11
N LEU B 158 -2.39 -22.79 -13.14
CA LEU B 158 -2.34 -23.81 -14.19
C LEU B 158 -3.74 -24.40 -14.39
N ASN B 159 -4.24 -24.33 -15.63
CA ASN B 159 -5.58 -24.94 -15.93
C ASN B 159 -6.68 -24.48 -14.99
N GLY B 160 -6.60 -23.19 -14.64
CA GLY B 160 -7.61 -22.53 -13.85
C GLY B 160 -7.46 -22.57 -12.35
N PHE B 161 -6.35 -23.14 -11.86
CA PHE B 161 -6.21 -23.29 -10.40
C PHE B 161 -4.83 -22.83 -9.96
N HIS B 162 -4.80 -22.25 -8.76
CA HIS B 162 -3.55 -21.79 -8.14
C HIS B 162 -3.06 -22.84 -7.11
N GLY B 163 -1.73 -22.88 -6.94
CA GLY B 163 -1.14 -23.58 -5.79
C GLY B 163 -0.19 -22.64 -5.09
N ASP B 164 0.04 -22.84 -3.80
CA ASP B 164 0.71 -21.81 -3.01
C ASP B 164 1.54 -22.48 -1.93
N LEU B 165 2.81 -22.07 -1.77
CA LEU B 165 3.61 -22.65 -0.67
C LEU B 165 4.81 -21.77 -0.42
N ASN B 166 5.44 -21.93 0.74
CA ASN B 166 6.59 -21.07 1.02
C ASN B 166 7.42 -21.68 2.09
N GLU B 167 8.69 -21.30 2.14
CA GLU B 167 9.51 -21.79 3.25
C GLU B 167 10.65 -20.83 3.51
N THR B 168 11.28 -20.96 4.69
CA THR B 168 12.42 -20.12 5.01
C THR B 168 13.65 -21.03 5.05
N VAL B 169 14.77 -20.56 4.50
CA VAL B 169 16.03 -21.30 4.50
C VAL B 169 17.13 -20.35 5.01
N PHE B 170 18.25 -20.96 5.40
CA PHE B 170 19.40 -20.19 5.87
C PHE B 170 20.31 -19.85 4.74
N ILE B 171 20.80 -18.60 4.73
CA ILE B 171 21.79 -18.22 3.76
C ILE B 171 23.14 -18.23 4.51
N GLY B 172 23.88 -19.31 4.29
CA GLY B 172 25.10 -19.55 5.06
C GLY B 172 24.77 -19.95 6.47
N ARG B 173 25.82 -20.24 7.25
CA ARG B 173 25.64 -20.74 8.60
C ARG B 173 24.91 -19.73 9.48
N PRO B 174 23.83 -20.15 10.17
CA PRO B 174 23.02 -19.20 10.92
C PRO B 174 23.46 -19.01 12.38
N ASP B 175 23.09 -17.88 12.98
CA ASP B 175 23.28 -17.71 14.41
C ASP B 175 22.16 -18.39 15.20
N ASP B 176 22.33 -18.51 16.51
CA ASP B 176 21.37 -19.22 17.37
C ASP B 176 19.94 -18.68 17.35
N ASP B 177 19.81 -17.35 17.37
CA ASP B 177 18.47 -16.75 17.35
C ASP B 177 17.74 -17.06 16.04
N SER B 178 18.48 -17.07 14.92
CA SER B 178 17.85 -17.34 13.61
C SER B 178 17.46 -18.80 13.53
N VAL B 179 18.28 -19.68 14.12
CA VAL B 179 17.87 -21.12 14.17
C VAL B 179 16.60 -21.29 14.99
N ARG B 180 16.53 -20.66 16.16
CA ARG B 180 15.34 -20.72 16.99
C ARG B 180 14.11 -20.21 16.26
N LEU B 181 14.26 -19.08 15.57
CA LEU B 181 13.15 -18.45 14.87
C LEU B 181 12.63 -19.32 13.72
N VAL B 182 13.54 -19.83 12.88
CA VAL B 182 13.13 -20.58 11.67
C VAL B 182 12.50 -21.90 12.13
N HIS B 183 13.13 -22.58 13.09
CA HIS B 183 12.48 -23.79 13.61
C HIS B 183 11.14 -23.51 14.28
N ALA B 184 11.05 -22.42 15.08
CA ALA B 184 9.76 -22.04 15.66
C ALA B 184 8.69 -21.86 14.57
N ALA B 185 9.07 -21.18 13.49
CA ALA B 185 8.08 -20.94 12.43
C ALA B 185 7.57 -22.26 11.83
N TYR B 186 8.46 -23.22 11.55
CA TYR B 186 8.06 -24.50 11.05
C TYR B 186 7.21 -25.28 12.07
N GLU B 187 7.65 -25.30 13.33
CA GLU B 187 6.83 -25.96 14.37
C GLU B 187 5.43 -25.37 14.47
N CYS B 188 5.33 -24.05 14.21
CA CYS B 188 4.05 -23.34 14.26
C CYS B 188 3.16 -23.78 13.11
N LEU B 189 3.73 -23.87 11.91
CA LEU B 189 2.98 -24.47 10.78
C LEU B 189 2.44 -25.86 11.20
N CYS B 190 3.33 -26.72 11.70
CA CYS B 190 2.86 -28.05 12.13
C CYS B 190 1.77 -28.00 13.21
N ALA B 191 1.90 -27.08 14.18
CA ALA B 191 0.89 -26.91 15.24
C ALA B 191 -0.48 -26.56 14.65
N GLY B 192 -0.47 -25.65 13.68
CA GLY B 192 -1.71 -25.25 13.00
C GLY B 192 -2.34 -26.41 12.25
N ILE B 193 -1.53 -27.11 11.47
CA ILE B 193 -2.03 -28.24 10.68
C ILE B 193 -2.56 -29.33 11.62
N GLY B 194 -1.94 -29.45 12.80
CA GLY B 194 -2.40 -30.46 13.77
C GLY B 194 -3.85 -30.30 14.19
N VAL B 195 -4.41 -29.09 14.00
CA VAL B 195 -5.78 -28.75 14.41
C VAL B 195 -6.74 -29.21 13.31
N VAL B 196 -6.21 -29.32 12.08
CA VAL B 196 -7.09 -29.51 10.91
C VAL B 196 -7.70 -30.91 10.82
N LYS B 197 -9.01 -30.94 10.86
CA LYS B 197 -9.75 -32.19 10.62
C LYS B 197 -11.21 -31.77 10.57
N PRO B 198 -12.08 -32.61 10.02
CA PRO B 198 -13.51 -32.23 9.99
C PRO B 198 -14.08 -31.79 11.36
N GLU B 199 -14.90 -30.74 11.34
CA GLU B 199 -15.56 -30.19 12.53
C GLU B 199 -14.68 -29.38 13.49
N ALA B 200 -13.37 -29.31 13.25
CA ALA B 200 -12.53 -28.37 14.00
C ALA B 200 -13.00 -26.97 13.64
N LEU B 201 -12.81 -26.03 14.55
CA LEU B 201 -13.16 -24.62 14.32
C LEU B 201 -11.95 -23.92 13.74
N TYR B 202 -12.15 -23.12 12.71
CA TYR B 202 -11.04 -22.31 12.17
C TYR B 202 -10.28 -21.50 13.23
N LYS B 203 -10.98 -20.97 14.24
CA LYS B 203 -10.30 -20.19 15.28
C LYS B 203 -9.29 -20.98 16.10
N GLN B 204 -9.38 -22.30 16.12
CA GLN B 204 -8.45 -23.09 16.92
C GLN B 204 -7.05 -23.16 16.30
N VAL B 205 -6.97 -22.86 15.00
CA VAL B 205 -5.67 -22.91 14.30
C VAL B 205 -4.75 -21.91 14.98
N GLY B 206 -5.24 -20.70 15.17
CA GLY B 206 -4.45 -19.66 15.81
C GLY B 206 -4.12 -19.90 17.28
N ASP B 207 -5.03 -20.54 18.02
CA ASP B 207 -4.74 -20.90 19.41
C ASP B 207 -3.54 -21.82 19.47
N ALA B 208 -3.52 -22.81 18.57
CA ALA B 208 -2.41 -23.74 18.55
C ALA B 208 -1.08 -23.13 18.09
N ILE B 209 -1.14 -22.24 17.11
CA ILE B 209 0.07 -21.61 16.59
C ILE B 209 0.70 -20.73 17.65
N GLU B 210 -0.13 -19.92 18.31
CA GLU B 210 0.43 -18.96 19.24
C GLU B 210 1.02 -19.69 20.45
N ALA B 211 0.36 -20.76 20.87
CA ALA B 211 0.89 -21.58 21.97
C ALA B 211 2.28 -22.12 21.66
N CYS B 212 2.46 -22.63 20.44
CA CYS B 212 3.76 -23.08 19.98
C CYS B 212 4.79 -21.95 19.91
N ALA B 213 4.41 -20.82 19.28
CA ALA B 213 5.32 -19.69 19.16
C ALA B 213 5.84 -19.28 20.54
N SER B 214 4.95 -19.24 21.51
CA SER B 214 5.34 -18.79 22.87
C SER B 214 6.37 -19.69 23.52
N GLN B 215 6.35 -20.98 23.18
CA GLN B 215 7.35 -21.95 23.66
C GLN B 215 8.74 -21.70 23.12
N TYR B 216 8.84 -20.91 22.04
CA TYR B 216 10.14 -20.44 21.54
C TYR B 216 10.38 -18.96 21.72
N GLN B 217 9.58 -18.32 22.58
CA GLN B 217 9.69 -16.89 22.91
C GLN B 217 9.53 -15.97 21.69
N CYS B 218 8.66 -16.37 20.76
CA CYS B 218 8.40 -15.60 19.54
C CYS B 218 6.95 -15.12 19.56
N SER B 219 6.64 -14.15 18.70
CA SER B 219 5.28 -13.63 18.60
C SER B 219 4.67 -13.96 17.25
N VAL B 220 3.36 -13.72 17.12
CA VAL B 220 2.67 -14.16 15.91
C VAL B 220 2.11 -12.94 15.21
N VAL B 221 2.52 -12.77 13.96
CA VAL B 221 2.00 -11.67 13.13
C VAL B 221 0.46 -11.74 13.05
N ARG B 222 -0.20 -10.58 13.15
CA ARG B 222 -1.67 -10.56 13.11
C ARG B 222 -2.28 -10.03 11.81
N THR B 223 -1.55 -9.19 11.09
CA THR B 223 -2.12 -8.49 9.93
C THR B 223 -2.33 -9.37 8.73
N TYR B 224 -1.50 -10.41 8.63
CA TYR B 224 -1.48 -11.29 7.49
C TYR B 224 -1.91 -12.67 7.92
N THR B 225 -2.64 -13.35 7.04
CA THR B 225 -3.26 -14.63 7.38
C THR B 225 -3.13 -15.67 6.26
N GLY B 226 -3.49 -16.90 6.60
CA GLY B 226 -3.74 -17.91 5.58
C GLY B 226 -5.08 -17.65 4.91
N HIS B 227 -5.36 -18.39 3.85
CA HIS B 227 -6.47 -18.08 2.96
C HIS B 227 -6.93 -19.29 2.18
N GLY B 228 -8.20 -19.29 1.77
CA GLY B 228 -8.56 -20.21 0.75
C GLY B 228 -7.77 -19.92 -0.51
N VAL B 229 -7.57 -20.97 -1.27
CA VAL B 229 -6.90 -20.89 -2.55
C VAL B 229 -7.51 -21.94 -3.46
N GLY B 230 -7.54 -21.69 -4.77
CA GLY B 230 -8.04 -22.71 -5.73
C GLY B 230 -8.25 -22.05 -7.08
N HIS B 231 -9.50 -21.92 -7.52
CA HIS B 231 -9.74 -21.13 -8.72
C HIS B 231 -9.31 -19.68 -8.50
N LEU B 232 -9.43 -19.18 -7.29
CA LEU B 232 -9.01 -17.85 -6.92
C LEU B 232 -7.67 -17.97 -6.17
N PHE B 233 -6.85 -16.93 -6.18
CA PHE B 233 -5.54 -16.97 -5.49
C PHE B 233 -5.79 -16.76 -3.98
N HIS B 234 -6.63 -15.76 -3.65
CA HIS B 234 -7.00 -15.48 -2.25
C HIS B 234 -8.53 -15.49 -2.14
N THR B 235 -9.06 -16.33 -1.26
CA THR B 235 -10.51 -16.39 -1.05
C THR B 235 -10.78 -16.88 0.38
N SER B 236 -12.05 -17.11 0.73
CA SER B 236 -12.35 -17.63 2.05
C SER B 236 -11.94 -19.11 2.10
N PRO B 237 -11.60 -19.62 3.29
CA PRO B 237 -11.66 -18.96 4.57
C PRO B 237 -10.45 -18.01 4.88
N THR B 238 -10.63 -17.07 5.79
CA THR B 238 -9.52 -16.35 6.41
C THR B 238 -8.97 -17.20 7.53
N VAL B 239 -7.66 -17.45 7.55
CA VAL B 239 -7.12 -18.40 8.53
C VAL B 239 -6.15 -17.60 9.40
N CYS B 240 -6.67 -17.05 10.51
CA CYS B 240 -5.85 -16.26 11.44
C CYS B 240 -4.85 -17.16 12.11
N HIS B 241 -3.62 -16.65 12.33
CA HIS B 241 -2.56 -17.44 12.99
C HIS B 241 -2.37 -17.16 14.48
N TYR B 242 -3.11 -16.19 15.03
CA TYR B 242 -2.90 -15.76 16.44
C TYR B 242 -4.03 -16.22 17.35
N ALA B 243 -3.78 -16.20 18.66
CA ALA B 243 -4.74 -16.75 19.60
C ALA B 243 -5.93 -15.82 19.88
N ASN B 244 -7.05 -16.41 20.32
CA ASN B 244 -8.27 -15.68 20.71
C ASN B 244 -8.77 -14.77 19.60
N ASN B 245 -8.86 -15.31 18.38
CA ASN B 245 -9.16 -14.49 17.24
C ASN B 245 -10.67 -14.55 16.93
N LYS B 246 -11.11 -13.73 15.99
CA LYS B 246 -12.55 -13.58 15.74
C LYS B 246 -13.09 -14.55 14.69
N SER B 247 -12.19 -15.35 14.11
CA SER B 247 -12.54 -16.31 13.05
C SER B 247 -13.78 -17.09 13.40
N LEU B 248 -14.72 -17.09 12.47
CA LEU B 248 -15.94 -17.85 12.61
C LEU B 248 -15.83 -19.08 11.70
N GLY B 249 -16.63 -20.09 12.00
CA GLY B 249 -16.81 -21.17 11.05
C GLY B 249 -16.13 -22.45 11.44
N MET B 250 -16.63 -23.54 10.84
CA MET B 250 -16.17 -24.88 11.12
C MET B 250 -15.53 -25.48 9.87
N MET B 251 -14.48 -26.30 10.04
CA MET B 251 -13.89 -26.99 8.90
C MET B 251 -14.75 -28.14 8.44
N ARG B 252 -14.83 -28.31 7.13
CA ARG B 252 -15.60 -29.41 6.53
C ARG B 252 -14.76 -30.13 5.50
N PRO B 253 -14.97 -31.45 5.30
CA PRO B 253 -14.35 -32.14 4.16
C PRO B 253 -14.55 -31.34 2.85
N GLY B 254 -13.47 -31.18 2.09
CA GLY B 254 -13.55 -30.40 0.85
C GLY B 254 -13.18 -28.93 0.95
N HIS B 255 -12.88 -28.45 2.17
CA HIS B 255 -12.38 -27.08 2.31
C HIS B 255 -10.88 -27.06 1.95
N VAL B 256 -10.46 -26.09 1.10
CA VAL B 256 -9.08 -25.98 0.64
C VAL B 256 -8.52 -24.62 1.11
N PHE B 257 -7.38 -24.59 1.83
CA PHE B 257 -6.86 -23.29 2.33
C PHE B 257 -5.39 -23.44 2.68
N THR B 258 -4.75 -22.32 2.97
CA THR B 258 -3.35 -22.37 3.37
C THR B 258 -3.26 -22.11 4.86
N ILE B 259 -2.18 -22.61 5.48
CA ILE B 259 -1.79 -22.17 6.79
C ILE B 259 -0.38 -21.67 6.60
N GLU B 260 -0.11 -20.44 7.03
CA GLU B 260 1.18 -19.81 6.69
C GLU B 260 1.68 -18.85 7.76
N PRO B 261 1.91 -19.36 8.99
CA PRO B 261 2.24 -18.44 10.06
C PRO B 261 3.53 -17.67 9.84
N MET B 262 3.46 -16.37 10.08
CA MET B 262 4.62 -15.49 10.16
C MET B 262 4.91 -15.23 11.65
N ILE B 263 6.14 -15.52 12.06
CA ILE B 263 6.54 -15.61 13.48
C ILE B 263 7.70 -14.64 13.64
N ASN B 264 7.66 -13.79 14.69
CA ASN B 264 8.70 -12.77 14.91
C ASN B 264 9.50 -13.03 16.17
N LEU B 265 10.77 -12.65 16.14
CA LEU B 265 11.63 -12.75 17.35
C LEU B 265 11.26 -11.70 18.39
N GLY B 266 10.70 -10.56 17.96
CA GLY B 266 10.24 -9.49 18.87
C GLY B 266 8.72 -9.35 18.96
N THR B 267 8.21 -8.15 18.79
CA THR B 267 6.77 -7.95 18.87
C THR B 267 6.10 -8.37 17.58
N TRP B 268 4.79 -8.57 17.65
CA TRP B 268 4.00 -9.03 16.51
C TRP B 268 3.77 -7.95 15.45
N GLN B 269 3.99 -6.69 15.77
CA GLN B 269 3.55 -5.60 14.91
C GLN B 269 4.35 -5.46 13.62
N ASP B 270 3.67 -5.01 12.58
CA ASP B 270 4.26 -4.88 11.24
C ASP B 270 4.17 -3.43 10.73
N VAL B 271 5.03 -3.08 9.78
CA VAL B 271 4.97 -1.82 9.03
C VAL B 271 5.21 -2.11 7.55
N THR B 272 4.80 -1.19 6.68
CA THR B 272 4.91 -1.41 5.25
C THR B 272 5.85 -0.39 4.62
N TRP B 273 6.73 -0.88 3.76
CA TRP B 273 7.69 -0.04 3.02
C TRP B 273 6.99 0.85 1.99
N PRO B 274 7.68 1.91 1.53
CA PRO B 274 7.09 2.82 0.50
C PRO B 274 6.74 2.12 -0.82
N ASP B 275 7.33 0.95 -1.11
CA ASP B 275 6.91 0.19 -2.28
C ASP B 275 5.46 -0.34 -2.22
N LYS B 276 4.86 -0.24 -1.03
CA LYS B 276 3.47 -0.60 -0.72
C LYS B 276 3.24 -2.09 -0.50
N TRP B 277 4.32 -2.88 -0.57
CA TRP B 277 4.20 -4.32 -0.45
C TRP B 277 5.03 -4.89 0.67
N THR B 278 6.33 -4.59 0.65
CA THR B 278 7.26 -5.18 1.63
C THR B 278 6.78 -4.86 3.05
N SER B 279 6.59 -5.89 3.87
CA SER B 279 6.15 -5.70 5.26
C SER B 279 7.31 -6.13 6.10
N THR B 280 7.70 -5.27 7.05
CA THR B 280 8.71 -5.68 8.05
C THR B 280 8.18 -5.59 9.47
N THR B 281 8.92 -6.21 10.37
CA THR B 281 8.59 -6.07 11.76
C THR B 281 8.77 -4.59 12.16
N LYS B 282 7.88 -4.14 13.04
CA LYS B 282 7.95 -2.76 13.57
C LYS B 282 9.23 -2.51 14.39
N ASP B 283 9.76 -3.53 15.06
CA ASP B 283 10.96 -3.37 15.88
C ASP B 283 12.25 -3.74 15.15
N GLY B 284 12.12 -4.16 13.90
CA GLY B 284 13.27 -4.51 13.09
C GLY B 284 13.91 -5.86 13.39
N ARG B 285 13.29 -6.69 14.25
CA ARG B 285 13.82 -8.05 14.55
CA ARG B 285 13.82 -8.04 14.54
C ARG B 285 13.40 -9.01 13.42
N ARG B 286 14.03 -10.17 13.37
CA ARG B 286 13.77 -11.09 12.26
C ARG B 286 12.41 -11.78 12.36
N SER B 287 11.87 -12.17 11.19
CA SER B 287 10.59 -12.86 11.09
C SER B 287 10.79 -14.05 10.12
N ALA B 288 10.11 -15.17 10.35
CA ALA B 288 10.19 -16.33 9.48
C ALA B 288 8.80 -16.93 9.26
N GLN B 289 8.64 -17.65 8.16
CA GLN B 289 7.32 -18.15 7.74
C GLN B 289 7.47 -19.48 7.01
N PHE B 290 6.45 -20.35 7.09
CA PHE B 290 6.36 -21.52 6.21
C PHE B 290 4.88 -21.60 5.83
N GLU B 291 4.59 -22.26 4.72
CA GLU B 291 3.19 -22.34 4.18
C GLU B 291 2.95 -23.61 3.43
N HIS B 292 1.79 -24.22 3.67
CA HIS B 292 1.31 -25.34 2.86
C HIS B 292 -0.10 -25.01 2.40
N THR B 293 -0.45 -25.49 1.22
CA THR B 293 -1.86 -25.62 0.77
C THR B 293 -2.35 -27.03 1.16
N MET B 294 -3.57 -27.11 1.70
CA MET B 294 -4.12 -28.38 2.14
C MET B 294 -5.64 -28.44 1.88
N VAL B 295 -6.19 -29.65 1.94
CA VAL B 295 -7.62 -29.90 1.91
C VAL B 295 -8.00 -30.65 3.17
N VAL B 296 -9.15 -30.29 3.73
CA VAL B 296 -9.78 -31.11 4.78
C VAL B 296 -10.36 -32.36 4.12
N THR B 297 -10.01 -33.55 4.65
CA THR B 297 -10.44 -34.82 4.05
C THR B 297 -11.60 -35.42 4.88
N ASN B 298 -12.08 -36.60 4.50
CA ASN B 298 -13.09 -37.29 5.30
C ASN B 298 -12.66 -37.57 6.73
N GLY B 299 -11.35 -37.76 6.94
CA GLY B 299 -10.82 -38.07 8.26
C GLY B 299 -9.78 -37.14 8.87
N GLY B 300 -9.22 -36.25 8.06
CA GLY B 300 -8.12 -35.47 8.58
C GLY B 300 -7.75 -34.37 7.60
N VAL B 301 -6.48 -34.36 7.21
CA VAL B 301 -6.00 -33.26 6.36
C VAL B 301 -4.98 -33.80 5.40
N GLU B 302 -4.95 -33.25 4.17
CA GLU B 302 -3.92 -33.68 3.21
C GLU B 302 -3.20 -32.45 2.70
N ILE B 303 -1.92 -32.34 2.95
CA ILE B 303 -1.17 -31.22 2.35
C ILE B 303 -0.75 -31.62 0.93
N PHE B 304 -0.80 -30.66 -0.01
CA PHE B 304 -0.46 -30.90 -1.41
C PHE B 304 0.94 -30.40 -1.74
N THR B 305 1.56 -29.67 -0.80
CA THR B 305 2.80 -28.96 -1.08
C THR B 305 4.02 -29.47 -0.26
N ASP B 306 3.94 -30.71 0.18
CA ASP B 306 5.01 -31.31 1.01
C ASP B 306 6.33 -31.37 0.26
N TRP B 307 7.40 -31.40 1.05
CA TRP B 307 8.72 -31.68 0.50
C TRP B 307 8.70 -33.13 0.00
N VAL B 308 9.61 -33.46 -0.91
CA VAL B 308 9.60 -34.79 -1.56
C VAL B 308 9.68 -35.97 -0.54
N ASP B 309 10.48 -35.78 0.51
CA ASP B 309 10.64 -36.76 1.62
C ASP B 309 10.08 -36.23 2.94
N GLY B 310 9.29 -35.17 2.84
CA GLY B 310 8.67 -34.64 4.02
C GLY B 310 9.55 -33.86 4.97
N VAL B 311 10.84 -33.78 4.64
CA VAL B 311 11.82 -33.08 5.49
C VAL B 311 12.06 -31.68 4.93
N PRO B 312 11.77 -30.66 5.73
CA PRO B 312 11.98 -29.29 5.26
C PRO B 312 13.42 -28.95 4.97
N THR B 313 13.67 -28.11 3.98
CA THR B 313 15.04 -27.83 3.55
C THR B 313 15.92 -27.26 4.69
N TYR B 314 15.36 -26.36 5.51
CA TYR B 314 16.18 -25.79 6.60
C TYR B 314 16.66 -26.91 7.54
N GLN B 315 15.87 -27.96 7.74
CA GLN B 315 16.34 -29.08 8.58
C GLN B 315 17.46 -29.85 7.91
N LYS B 316 17.35 -30.04 6.61
CA LYS B 316 18.46 -30.62 5.87
C LYS B 316 19.74 -29.79 6.03
N GLN B 317 19.61 -28.44 5.99
CA GLN B 317 20.80 -27.57 6.14
C GLN B 317 21.41 -27.77 7.52
N LEU B 318 20.54 -27.79 8.55
CA LEU B 318 21.05 -27.92 9.94
C LEU B 318 21.72 -29.29 10.18
N LYS B 319 21.14 -30.32 9.60
CA LYS B 319 21.73 -31.67 9.70
C LYS B 319 23.11 -31.72 9.01
N GLU B 320 23.21 -31.12 7.82
CA GLU B 320 24.50 -30.97 7.13
C GLU B 320 25.55 -30.20 7.94
N TRP B 321 25.11 -29.15 8.63
CA TRP B 321 26.03 -28.40 9.45
C TRP B 321 26.22 -29.02 10.84
N GLY B 322 25.40 -30.01 11.20
CA GLY B 322 25.40 -30.58 12.57
C GLY B 322 24.98 -29.58 13.65
N ILE B 323 24.12 -28.63 13.29
CA ILE B 323 23.64 -27.62 14.23
C ILE B 323 22.34 -28.17 14.84
N MET B 324 22.17 -28.07 16.16
CA MET B 324 21.03 -28.71 16.80
C MET B 324 19.76 -27.88 16.73
N LEU B 325 18.63 -28.57 16.71
CA LEU B 325 17.32 -27.93 16.78
C LEU B 325 17.12 -27.45 18.21
N PRO B 326 16.64 -26.20 18.39
CA PRO B 326 16.40 -25.60 19.71
C PRO B 326 15.25 -26.33 20.42
N GLN B 327 15.33 -26.38 21.76
CA GLN B 327 14.32 -27.08 22.56
C GLN B 327 13.21 -26.13 22.97
N ARG B 328 11.97 -26.62 23.06
CA ARG B 328 10.86 -25.81 23.59
C ARG B 328 11.08 -25.46 25.06
N LYS B 329 10.45 -24.38 25.51
CA LYS B 329 10.41 -24.04 26.94
C LYS B 329 9.01 -24.21 27.53
#